data_4BWI
#
_entry.id   4BWI
#
_cell.length_a   77.430
_cell.length_b   88.460
_cell.length_c   84.870
_cell.angle_alpha   90.00
_cell.angle_beta   109.85
_cell.angle_gamma   90.00
#
_symmetry.space_group_name_H-M   'P 1 21 1'
#
loop_
_entity.id
_entity.type
_entity.pdbx_description
1 polymer 'PHYTOCHROME-LIKE PROTEIN CPH2'
2 non-polymer 'GLUTAMIC ACID'
3 non-polymer PHYCOCYANOBILIN
4 non-polymer GLYCEROL
5 non-polymer 'FORMIC ACID'
6 water water
#
_entity_poly.entity_id   1
_entity_poly.type   'polypeptide(L)'
_entity_poly.pdbx_seq_one_letter_code
;SNPNRSLEDFLRNVINKFHRALTLRETLQVIVEEARIFLGVDRVKIYKFASDGSGEVLAEAVNRAALPSLLGLHFPVEDI
PPQAREELGNQRKMIAVDVAHRRKKSHELSGRISPTEHSNGHYTTVDSCHIQYLLAMGVLSSLTVPVMQDQQLWGIMAVH
HSKPRRFTEQEWETMALLSKEVSLAITQSQLSRQVHQQQVQEALVQRLETTVAQYGDRPETWQYALETVGQAVEADGAVL
YIAPDLTGSVAQHYQWNLRFDWGNWLETSLWQELMRGQPSAAMEPMAAVQSTWEKPRPFTSVAPLPPTNCVPHGYTLGEL
EQRSDWIAPPESLSAENFQSFLIVPLAADQQWVGSLILLRKEKSLVKHWAGKRGIDRRNILPRLSFEAWEETQKLVPTWN
RSERKLAQVASTQLYMAITQQFVTASHHHHHH
;
_entity_poly.pdbx_strand_id   A,B
#
loop_
_chem_comp.id
_chem_comp.type
_chem_comp.name
_chem_comp.formula
CYC non-polymer PHYCOCYANOBILIN 'C33 H40 N4 O6'
FMT non-polymer 'FORMIC ACID' 'C H2 O2'
GOL non-polymer GLYCEROL 'C3 H8 O3'
#
# COMPACT_ATOMS: atom_id res chain seq x y z
N ASN A 4 17.60 13.09 20.04
CA ASN A 4 18.70 12.64 20.88
C ASN A 4 18.76 11.11 21.00
N ARG A 5 18.06 10.44 20.09
CA ARG A 5 18.03 8.98 20.07
C ARG A 5 18.80 8.44 18.86
N SER A 6 19.64 7.43 19.11
CA SER A 6 20.43 6.83 18.04
C SER A 6 19.54 6.14 17.02
N LEU A 7 20.06 6.00 15.79
CA LEU A 7 19.32 5.37 14.71
C LEU A 7 19.04 3.90 15.01
N GLU A 8 20.03 3.23 15.60
CA GLU A 8 19.94 1.82 15.92
C GLU A 8 18.79 1.53 16.89
N ASP A 9 18.58 2.44 17.84
CA ASP A 9 17.47 2.31 18.78
C ASP A 9 16.13 2.62 18.12
N PHE A 10 16.16 3.54 17.16
CA PHE A 10 14.93 4.00 16.51
C PHE A 10 14.36 2.96 15.54
N LEU A 11 15.24 2.30 14.79
CA LEU A 11 14.82 1.31 13.82
C LEU A 11 14.24 0.08 14.52
N ARG A 12 14.75 -0.20 15.71
CA ARG A 12 14.27 -1.32 16.50
C ARG A 12 12.86 -1.05 17.01
N ASN A 13 12.55 0.22 17.28
CA ASN A 13 11.23 0.60 17.75
C ASN A 13 10.17 0.56 16.65
N VAL A 14 10.61 0.73 15.40
CA VAL A 14 9.71 0.67 14.25
C VAL A 14 9.21 -0.77 14.06
N ILE A 15 10.13 -1.72 14.18
CA ILE A 15 9.80 -3.14 14.01
C ILE A 15 9.00 -3.68 15.19
N ASN A 16 9.36 -3.24 16.39
CA ASN A 16 8.68 -3.68 17.61
C ASN A 16 7.21 -3.31 17.64
N LYS A 17 6.83 -2.28 16.88
CA LYS A 17 5.47 -1.75 16.93
C LYS A 17 4.70 -1.92 15.63
N PHE A 18 5.40 -1.89 14.50
CA PHE A 18 4.74 -1.89 13.19
C PHE A 18 5.00 -3.14 12.37
N HIS A 19 5.98 -3.94 12.77
CA HIS A 19 6.35 -5.12 12.00
C HIS A 19 6.46 -6.37 12.85
N ARG A 20 5.92 -6.31 14.07
CA ARG A 20 5.88 -7.47 14.95
C ARG A 20 4.67 -8.32 14.57
N ALA A 21 4.72 -8.93 13.40
CA ALA A 21 3.63 -9.75 12.90
C ALA A 21 4.12 -11.12 12.46
N LEU A 22 3.43 -11.70 11.49
CA LEU A 22 3.81 -12.99 10.93
C LEU A 22 4.62 -12.75 9.66
N THR A 23 5.31 -13.78 9.18
CA THR A 23 6.06 -13.66 7.93
C THR A 23 5.10 -13.56 6.74
N LEU A 24 5.64 -13.24 5.58
CA LEU A 24 4.83 -13.16 4.37
C LEU A 24 4.29 -14.54 3.99
N ARG A 25 5.18 -15.54 3.95
CA ARG A 25 4.80 -16.90 3.59
C ARG A 25 3.73 -17.48 4.51
N GLU A 26 3.89 -17.27 5.81
CA GLU A 26 2.92 -17.76 6.79
C GLU A 26 1.56 -17.09 6.64
N THR A 27 1.57 -15.82 6.23
CA THR A 27 0.33 -15.08 6.02
C THR A 27 -0.41 -15.59 4.78
N LEU A 28 0.34 -15.86 3.72
CA LEU A 28 -0.24 -16.42 2.50
C LEU A 28 -0.89 -17.77 2.79
N GLN A 29 -0.25 -18.54 3.67
CA GLN A 29 -0.75 -19.85 4.03
C GLN A 29 -2.06 -19.76 4.81
N VAL A 30 -2.13 -18.80 5.72
CA VAL A 30 -3.34 -18.56 6.51
C VAL A 30 -4.49 -18.16 5.61
N ILE A 31 -4.22 -17.30 4.63
CA ILE A 31 -5.25 -16.77 3.75
C ILE A 31 -5.86 -17.84 2.84
N VAL A 32 -5.04 -18.70 2.26
CA VAL A 32 -5.56 -19.75 1.37
C VAL A 32 -6.41 -20.78 2.12
N GLU A 33 -6.03 -21.08 3.37
CA GLU A 33 -6.76 -22.04 4.18
C GLU A 33 -8.13 -21.52 4.57
N GLU A 34 -8.22 -20.22 4.83
CA GLU A 34 -9.49 -19.60 5.19
C GLU A 34 -10.42 -19.51 3.98
N ALA A 35 -9.84 -19.24 2.81
CA ALA A 35 -10.61 -19.17 1.58
C ALA A 35 -11.16 -20.55 1.17
N ARG A 36 -10.35 -21.58 1.34
CA ARG A 36 -10.75 -22.93 0.95
C ARG A 36 -11.87 -23.47 1.85
N ILE A 37 -11.76 -23.22 3.14
CA ILE A 37 -12.80 -23.64 4.09
C ILE A 37 -14.11 -22.89 3.84
N PHE A 38 -14.00 -21.57 3.67
CA PHE A 38 -15.18 -20.74 3.44
C PHE A 38 -15.88 -21.05 2.13
N LEU A 39 -15.10 -21.46 1.13
CA LEU A 39 -15.65 -21.79 -0.19
C LEU A 39 -16.04 -23.26 -0.29
N GLY A 40 -15.37 -24.11 0.50
CA GLY A 40 -15.63 -25.53 0.45
C GLY A 40 -15.21 -26.13 -0.89
N VAL A 41 -14.06 -25.70 -1.39
CA VAL A 41 -13.54 -26.18 -2.66
C VAL A 41 -12.33 -27.10 -2.46
N ASP A 42 -11.83 -27.66 -3.55
CA ASP A 42 -10.74 -28.61 -3.48
C ASP A 42 -9.37 -27.97 -3.23
N ARG A 43 -9.10 -26.86 -3.91
CA ARG A 43 -7.78 -26.23 -3.83
C ARG A 43 -7.80 -24.71 -3.98
N VAL A 44 -7.09 -24.03 -3.09
CA VAL A 44 -6.86 -22.60 -3.23
C VAL A 44 -5.37 -22.30 -3.18
N LYS A 45 -4.86 -21.71 -4.25
CA LYS A 45 -3.43 -21.42 -4.34
C LYS A 45 -3.13 -19.92 -4.41
N ILE A 46 -1.89 -19.58 -4.13
CA ILE A 46 -1.37 -18.23 -4.38
C ILE A 46 -0.10 -18.35 -5.23
N TYR A 47 -0.11 -17.66 -6.35
CA TYR A 47 0.91 -17.80 -7.38
C TYR A 47 1.57 -16.44 -7.60
N LYS A 48 2.90 -16.41 -7.54
CA LYS A 48 3.62 -15.15 -7.66
C LYS A 48 4.46 -15.11 -8.94
N PHE A 49 4.25 -14.08 -9.75
CA PHE A 49 5.00 -13.96 -11.00
C PHE A 49 6.46 -13.61 -10.76
N ALA A 50 7.31 -14.06 -11.66
CA ALA A 50 8.70 -13.65 -11.67
C ALA A 50 8.85 -12.55 -12.69
N SER A 51 10.06 -12.03 -12.86
CA SER A 51 10.29 -10.95 -13.82
C SER A 51 10.01 -11.38 -15.25
N ASP A 52 10.35 -12.63 -15.58
CA ASP A 52 10.20 -13.13 -16.95
C ASP A 52 8.79 -13.62 -17.29
N GLY A 53 7.85 -13.45 -16.36
CA GLY A 53 6.48 -13.83 -16.62
C GLY A 53 6.11 -15.18 -16.04
N SER A 54 7.12 -16.01 -15.79
CA SER A 54 6.90 -17.29 -15.15
C SER A 54 6.58 -17.03 -13.69
N GLY A 55 6.21 -18.09 -12.97
CA GLY A 55 5.83 -17.93 -11.58
C GLY A 55 6.04 -19.14 -10.71
N GLU A 56 5.60 -19.05 -9.46
CA GLU A 56 5.72 -20.14 -8.51
C GLU A 56 4.47 -20.20 -7.63
N VAL A 57 4.09 -21.39 -7.21
CA VAL A 57 3.03 -21.54 -6.23
C VAL A 57 3.63 -21.40 -4.84
N LEU A 58 3.30 -20.30 -4.15
CA LEU A 58 3.90 -20.00 -2.85
C LEU A 58 3.10 -20.58 -1.68
N ALA A 59 1.79 -20.64 -1.84
CA ALA A 59 0.92 -21.13 -0.79
C ALA A 59 -0.15 -22.03 -1.38
N GLU A 60 -0.62 -22.99 -0.59
CA GLU A 60 -1.61 -23.93 -1.07
C GLU A 60 -2.40 -24.62 0.04
N ALA A 61 -3.72 -24.51 -0.04
CA ALA A 61 -4.60 -25.33 0.77
C ALA A 61 -5.30 -26.28 -0.21
N VAL A 62 -5.16 -27.58 0.01
CA VAL A 62 -5.67 -28.54 -0.96
C VAL A 62 -6.16 -29.84 -0.33
N ASN A 63 -7.32 -30.30 -0.77
CA ASN A 63 -7.81 -31.62 -0.45
C ASN A 63 -7.08 -32.62 -1.35
N ARG A 64 -6.12 -33.35 -0.77
CA ARG A 64 -5.28 -34.25 -1.54
C ARG A 64 -6.04 -35.40 -2.19
N ALA A 65 -7.19 -35.75 -1.63
CA ALA A 65 -8.02 -36.82 -2.17
C ALA A 65 -8.70 -36.38 -3.46
N ALA A 66 -8.80 -35.06 -3.66
CA ALA A 66 -9.50 -34.51 -4.80
C ALA A 66 -8.55 -33.91 -5.85
N LEU A 67 -7.60 -33.11 -5.40
CA LEU A 67 -6.63 -32.50 -6.31
C LEU A 67 -5.19 -32.69 -5.85
N PRO A 68 -4.24 -32.67 -6.81
CA PRO A 68 -2.81 -32.75 -6.51
C PRO A 68 -2.29 -31.51 -5.80
N SER A 69 -1.06 -31.59 -5.28
CA SER A 69 -0.42 -30.45 -4.66
C SER A 69 0.57 -29.80 -5.61
N LEU A 70 0.34 -28.52 -5.90
CA LEU A 70 1.19 -27.78 -6.83
C LEU A 70 2.18 -26.86 -6.12
N LEU A 71 2.23 -26.96 -4.79
CA LEU A 71 3.10 -26.12 -3.98
C LEU A 71 4.58 -26.26 -4.35
N GLY A 72 5.25 -25.13 -4.53
CA GLY A 72 6.66 -25.11 -4.84
C GLY A 72 6.97 -25.32 -6.31
N LEU A 73 5.93 -25.58 -7.11
CA LEU A 73 6.11 -25.82 -8.53
C LEU A 73 6.13 -24.51 -9.33
N HIS A 74 6.93 -24.50 -10.38
CA HIS A 74 7.01 -23.34 -11.26
C HIS A 74 6.21 -23.55 -12.53
N PHE A 75 5.59 -22.48 -13.03
CA PHE A 75 4.88 -22.52 -14.29
C PHE A 75 5.50 -21.48 -15.23
N PRO A 76 5.63 -21.84 -16.52
CA PRO A 76 6.25 -20.94 -17.50
C PRO A 76 5.34 -19.78 -17.89
N VAL A 77 5.91 -18.80 -18.59
CA VAL A 77 5.21 -17.57 -18.96
C VAL A 77 4.07 -17.81 -19.95
N GLU A 78 4.24 -18.76 -20.85
CA GLU A 78 3.28 -19.02 -21.92
C GLU A 78 1.93 -19.53 -21.41
N ASP A 79 1.90 -20.04 -20.18
CA ASP A 79 0.67 -20.55 -19.60
C ASP A 79 -0.39 -19.45 -19.49
N ILE A 80 0.05 -18.23 -19.21
CA ILE A 80 -0.85 -17.08 -19.17
C ILE A 80 -0.46 -16.06 -20.24
N PRO A 81 -1.20 -16.07 -21.36
CA PRO A 81 -0.94 -15.21 -22.54
C PRO A 81 -1.23 -13.73 -22.25
N PRO A 82 -0.70 -12.83 -23.08
CA PRO A 82 -0.85 -11.38 -22.89
C PRO A 82 -2.30 -10.92 -22.74
N GLN A 83 -3.21 -11.57 -23.46
CA GLN A 83 -4.63 -11.23 -23.38
C GLN A 83 -5.16 -11.38 -21.96
N ALA A 84 -4.78 -12.47 -21.29
CA ALA A 84 -5.25 -12.75 -19.93
C ALA A 84 -4.59 -11.85 -18.90
N ARG A 85 -3.28 -11.64 -19.03
CA ARG A 85 -2.55 -10.78 -18.13
C ARG A 85 -3.09 -9.35 -18.19
N GLU A 86 -3.47 -8.93 -19.40
CA GLU A 86 -4.02 -7.60 -19.60
C GLU A 86 -5.34 -7.45 -18.87
N GLU A 87 -6.18 -8.47 -18.94
CA GLU A 87 -7.49 -8.44 -18.30
C GLU A 87 -7.37 -8.56 -16.78
N LEU A 88 -6.38 -9.32 -16.33
CA LEU A 88 -6.16 -9.53 -14.90
C LEU A 88 -5.54 -8.32 -14.22
N GLY A 89 -4.56 -7.70 -14.87
CA GLY A 89 -3.79 -6.64 -14.25
C GLY A 89 -4.32 -5.24 -14.49
N ASN A 90 -4.32 -4.80 -15.75
CA ASN A 90 -4.75 -3.45 -16.08
C ASN A 90 -6.26 -3.25 -15.95
N GLN A 91 -7.02 -4.31 -16.19
CA GLN A 91 -8.48 -4.22 -16.08
C GLN A 91 -8.94 -4.68 -14.70
N ARG A 92 -8.04 -5.34 -13.98
CA ARG A 92 -8.33 -5.85 -12.63
C ARG A 92 -9.57 -6.74 -12.57
N LYS A 93 -9.67 -7.68 -13.50
CA LYS A 93 -10.82 -8.57 -13.56
C LYS A 93 -10.54 -9.89 -12.84
N MET A 94 -11.45 -10.29 -11.97
CA MET A 94 -11.48 -11.67 -11.49
C MET A 94 -12.10 -12.50 -12.60
N ILE A 95 -11.55 -13.68 -12.87
CA ILE A 95 -12.05 -14.53 -13.95
C ILE A 95 -12.56 -15.87 -13.44
N ALA A 96 -13.83 -16.16 -13.72
CA ALA A 96 -14.42 -17.43 -13.35
C ALA A 96 -14.64 -18.30 -14.59
N VAL A 97 -14.03 -19.48 -14.61
CA VAL A 97 -14.12 -20.36 -15.77
C VAL A 97 -14.98 -21.59 -15.49
N ASP A 98 -16.08 -21.71 -16.21
CA ASP A 98 -16.95 -22.87 -16.14
C ASP A 98 -16.52 -23.87 -17.22
N VAL A 99 -15.67 -24.82 -16.83
CA VAL A 99 -15.04 -25.74 -17.77
C VAL A 99 -16.01 -26.63 -18.53
N ALA A 100 -16.96 -27.25 -17.83
CA ALA A 100 -17.90 -28.19 -18.45
C ALA A 100 -18.73 -27.54 -19.54
N HIS A 101 -18.95 -26.24 -19.44
CA HIS A 101 -19.75 -25.51 -20.42
C HIS A 101 -18.89 -24.61 -21.29
N ARG A 102 -17.57 -24.73 -21.13
CA ARG A 102 -16.60 -24.01 -21.95
C ARG A 102 -16.86 -22.50 -21.98
N ARG A 103 -17.18 -21.96 -20.81
CA ARG A 103 -17.53 -20.54 -20.72
C ARG A 103 -16.88 -19.84 -19.52
N LYS A 104 -16.69 -18.54 -19.64
CA LYS A 104 -16.08 -17.74 -18.58
C LYS A 104 -16.88 -16.48 -18.31
N LYS A 105 -16.63 -15.85 -17.16
CA LYS A 105 -17.21 -14.56 -16.84
C LYS A 105 -16.24 -13.71 -16.03
N SER A 106 -16.33 -12.40 -16.18
CA SER A 106 -15.42 -11.49 -15.50
C SER A 106 -16.16 -10.49 -14.64
N HIS A 107 -15.72 -10.36 -13.39
CA HIS A 107 -16.22 -9.30 -12.51
C HIS A 107 -15.07 -8.43 -12.04
N GLU A 108 -15.34 -7.16 -11.80
CA GLU A 108 -14.31 -6.21 -11.39
C GLU A 108 -13.86 -6.45 -9.96
N LEU A 109 -12.54 -6.44 -9.75
CA LEU A 109 -11.95 -6.61 -8.43
C LEU A 109 -12.35 -5.46 -7.51
N SER A 110 -12.60 -4.30 -8.10
CA SER A 110 -12.97 -3.11 -7.34
C SER A 110 -14.35 -3.26 -6.69
N GLY A 111 -15.40 -3.26 -7.52
CA GLY A 111 -16.75 -3.37 -7.03
C GLY A 111 -17.72 -3.85 -8.10
N ARG A 112 -19.00 -3.53 -7.92
CA ARG A 112 -20.03 -3.91 -8.88
C ARG A 112 -21.13 -2.84 -9.02
N ILE A 113 -21.64 -2.38 -7.89
CA ILE A 113 -22.72 -1.38 -7.85
C ILE A 113 -23.97 -1.81 -8.63
N SER A 114 -24.16 -3.12 -8.75
CA SER A 114 -25.31 -3.67 -9.47
C SER A 114 -25.57 -5.12 -9.06
N GLY A 121 -24.82 -13.16 -14.92
CA GLY A 121 -23.58 -12.59 -15.39
C GLY A 121 -23.36 -12.83 -16.87
N HIS A 122 -22.43 -12.09 -17.47
CA HIS A 122 -22.14 -12.20 -18.89
C HIS A 122 -21.12 -13.31 -19.15
N TYR A 123 -21.51 -14.30 -19.95
CA TYR A 123 -20.63 -15.43 -20.24
C TYR A 123 -19.94 -15.33 -21.59
N THR A 124 -18.68 -15.78 -21.65
CA THR A 124 -17.90 -15.77 -22.87
C THR A 124 -17.31 -17.15 -23.12
N THR A 125 -17.21 -17.56 -24.38
CA THR A 125 -16.65 -18.87 -24.71
C THR A 125 -15.13 -18.91 -24.47
N VAL A 126 -14.66 -20.00 -23.87
CA VAL A 126 -13.25 -20.14 -23.51
C VAL A 126 -12.45 -20.83 -24.61
N ASP A 127 -11.24 -20.33 -24.86
CA ASP A 127 -10.31 -20.94 -25.81
C ASP A 127 -10.08 -22.41 -25.46
N SER A 128 -9.99 -23.24 -26.50
CA SER A 128 -9.91 -24.69 -26.30
C SER A 128 -8.63 -25.13 -25.60
N CYS A 129 -7.57 -24.34 -25.74
CA CYS A 129 -6.29 -24.67 -25.11
C CYS A 129 -6.42 -24.63 -23.59
N HIS A 130 -7.01 -23.55 -23.08
CA HIS A 130 -7.17 -23.38 -21.64
C HIS A 130 -8.17 -24.40 -21.08
N ILE A 131 -9.07 -24.89 -21.92
CA ILE A 131 -10.01 -25.93 -21.53
C ILE A 131 -9.31 -27.27 -21.33
N GLN A 132 -8.48 -27.65 -22.30
CA GLN A 132 -7.68 -28.86 -22.18
C GLN A 132 -6.73 -28.75 -20.99
N TYR A 133 -6.10 -27.59 -20.87
CA TYR A 133 -5.19 -27.26 -19.79
C TYR A 133 -5.84 -27.52 -18.44
N LEU A 134 -7.01 -26.93 -18.23
CA LEU A 134 -7.74 -27.10 -16.98
C LEU A 134 -8.22 -28.54 -16.79
N LEU A 135 -8.55 -29.20 -17.89
CA LEU A 135 -8.95 -30.60 -17.85
C LEU A 135 -7.79 -31.45 -17.37
N ALA A 136 -6.60 -31.19 -17.93
CA ALA A 136 -5.40 -31.93 -17.56
C ALA A 136 -5.04 -31.75 -16.09
N MET A 137 -5.58 -30.70 -15.47
CA MET A 137 -5.35 -30.45 -14.06
C MET A 137 -6.40 -31.13 -13.18
N GLY A 138 -7.43 -31.69 -13.83
CA GLY A 138 -8.54 -32.29 -13.11
C GLY A 138 -9.50 -31.23 -12.56
N VAL A 139 -9.49 -30.05 -13.18
CA VAL A 139 -10.29 -28.93 -12.70
C VAL A 139 -11.48 -28.65 -13.60
N LEU A 140 -12.66 -28.53 -13.01
CA LEU A 140 -13.87 -28.18 -13.75
C LEU A 140 -14.38 -26.79 -13.40
N SER A 141 -13.89 -26.23 -12.30
CA SER A 141 -14.30 -24.89 -11.87
C SER A 141 -13.11 -24.06 -11.40
N SER A 142 -12.91 -22.91 -12.03
CA SER A 142 -11.75 -22.07 -11.73
C SER A 142 -12.13 -20.61 -11.51
N LEU A 143 -11.60 -20.02 -10.44
CA LEU A 143 -11.75 -18.59 -10.18
C LEU A 143 -10.38 -17.96 -9.96
N THR A 144 -9.93 -17.15 -10.92
CA THR A 144 -8.63 -16.50 -10.83
C THR A 144 -8.78 -15.09 -10.30
N VAL A 145 -8.11 -14.79 -9.19
CA VAL A 145 -8.15 -13.47 -8.58
C VAL A 145 -6.80 -12.77 -8.69
N PRO A 146 -6.76 -11.62 -9.38
CA PRO A 146 -5.50 -10.88 -9.49
C PRO A 146 -5.04 -10.32 -8.16
N VAL A 147 -3.73 -10.40 -7.90
CA VAL A 147 -3.15 -9.79 -6.71
C VAL A 147 -2.34 -8.57 -7.12
N MET A 148 -2.74 -7.40 -6.63
CA MET A 148 -2.09 -6.16 -7.07
C MET A 148 -1.01 -5.65 -6.10
N GLN A 149 0.05 -5.07 -6.68
CA GLN A 149 1.08 -4.40 -5.90
C GLN A 149 1.76 -3.35 -6.78
N ASP A 150 1.74 -2.10 -6.32
CA ASP A 150 2.31 -0.99 -7.06
C ASP A 150 1.70 -0.87 -8.46
N GLN A 151 0.38 -1.04 -8.52
CA GLN A 151 -0.38 -0.99 -9.77
C GLN A 151 0.07 -2.04 -10.78
N GLN A 152 0.73 -3.10 -10.29
CA GLN A 152 1.20 -4.17 -11.16
C GLN A 152 0.64 -5.53 -10.72
N LEU A 153 0.50 -6.43 -11.67
CA LEU A 153 0.05 -7.79 -11.37
C LEU A 153 1.18 -8.56 -10.68
N TRP A 154 1.12 -8.61 -9.36
CA TRP A 154 2.13 -9.29 -8.55
C TRP A 154 1.99 -10.79 -8.71
N GLY A 155 0.75 -11.24 -8.88
CA GLY A 155 0.44 -12.64 -9.01
C GLY A 155 -1.06 -12.85 -9.00
N ILE A 156 -1.47 -14.08 -8.74
CA ILE A 156 -2.90 -14.38 -8.69
C ILE A 156 -3.23 -15.25 -7.49
N MET A 157 -4.50 -15.24 -7.11
CA MET A 157 -5.02 -16.23 -6.20
C MET A 157 -5.86 -17.18 -7.03
N ALA A 158 -5.56 -18.46 -6.94
CA ALA A 158 -6.23 -19.45 -7.77
C ALA A 158 -7.14 -20.35 -6.95
N VAL A 159 -8.43 -20.35 -7.29
CA VAL A 159 -9.41 -21.18 -6.61
C VAL A 159 -9.89 -22.26 -7.57
N HIS A 160 -9.55 -23.51 -7.27
CA HIS A 160 -9.85 -24.62 -8.15
C HIS A 160 -10.73 -25.68 -7.50
N HIS A 161 -11.65 -26.23 -8.28
CA HIS A 161 -12.52 -27.30 -7.82
C HIS A 161 -12.68 -28.33 -8.94
N SER A 162 -12.68 -29.61 -8.58
CA SER A 162 -12.75 -30.69 -9.56
C SER A 162 -14.17 -30.92 -10.09
N LYS A 163 -15.15 -30.27 -9.47
CA LYS A 163 -16.54 -30.40 -9.91
C LYS A 163 -17.05 -29.04 -10.39
N PRO A 164 -18.10 -29.05 -11.22
CA PRO A 164 -18.77 -27.80 -11.60
C PRO A 164 -19.20 -27.02 -10.37
N ARG A 165 -18.93 -25.72 -10.36
CA ARG A 165 -19.17 -24.91 -9.17
C ARG A 165 -19.34 -23.44 -9.55
N ARG A 166 -20.53 -22.89 -9.34
CA ARG A 166 -20.74 -21.47 -9.56
C ARG A 166 -20.52 -20.68 -8.26
N PHE A 167 -20.00 -19.47 -8.39
CA PHE A 167 -19.71 -18.65 -7.24
C PHE A 167 -20.71 -17.50 -7.09
N THR A 168 -21.30 -17.38 -5.91
CA THR A 168 -22.22 -16.28 -5.64
C THR A 168 -21.44 -14.99 -5.50
N GLU A 169 -22.12 -13.85 -5.61
CA GLU A 169 -21.49 -12.55 -5.48
C GLU A 169 -20.89 -12.36 -4.08
N GLN A 170 -21.52 -13.00 -3.09
CA GLN A 170 -21.00 -13.00 -1.73
C GLN A 170 -19.60 -13.61 -1.68
N GLU A 171 -19.34 -14.54 -2.59
CA GLU A 171 -18.04 -15.21 -2.64
C GLU A 171 -17.04 -14.42 -3.50
N TRP A 172 -17.54 -13.77 -4.54
CA TRP A 172 -16.71 -12.88 -5.35
C TRP A 172 -16.11 -11.78 -4.48
N GLU A 173 -16.96 -11.10 -3.72
CA GLU A 173 -16.53 -9.97 -2.90
C GLU A 173 -15.57 -10.40 -1.80
N THR A 174 -15.77 -11.60 -1.28
CA THR A 174 -14.92 -12.14 -0.22
C THR A 174 -13.51 -12.43 -0.74
N MET A 175 -13.42 -12.96 -1.97
CA MET A 175 -12.12 -13.25 -2.57
C MET A 175 -11.43 -11.96 -2.99
N ALA A 176 -12.22 -10.98 -3.42
CA ALA A 176 -11.68 -9.66 -3.75
C ALA A 176 -11.11 -9.02 -2.49
N LEU A 177 -11.78 -9.23 -1.37
CA LEU A 177 -11.32 -8.73 -0.09
C LEU A 177 -10.01 -9.39 0.32
N LEU A 178 -9.94 -10.71 0.18
CA LEU A 178 -8.74 -11.45 0.51
C LEU A 178 -7.55 -11.10 -0.38
N SER A 179 -7.85 -10.64 -1.59
CA SER A 179 -6.81 -10.20 -2.51
C SER A 179 -6.14 -8.93 -1.97
N LYS A 180 -6.94 -8.05 -1.38
CA LYS A 180 -6.41 -6.83 -0.77
C LYS A 180 -5.60 -7.14 0.49
N GLU A 181 -5.98 -8.23 1.17
CA GLU A 181 -5.26 -8.68 2.35
C GLU A 181 -3.86 -9.18 1.98
N VAL A 182 -3.77 -9.88 0.85
CA VAL A 182 -2.48 -10.34 0.34
C VAL A 182 -1.62 -9.12 -0.05
N SER A 183 -2.24 -8.19 -0.77
CA SER A 183 -1.58 -6.93 -1.13
C SER A 183 -1.08 -6.20 0.11
N LEU A 184 -1.92 -6.17 1.14
CA LEU A 184 -1.56 -5.55 2.40
C LEU A 184 -0.32 -6.20 3.00
N ALA A 185 -0.32 -7.54 3.02
CA ALA A 185 0.79 -8.29 3.60
C ALA A 185 2.09 -8.10 2.82
N ILE A 186 1.98 -8.02 1.50
CA ILE A 186 3.14 -7.81 0.64
C ILE A 186 3.77 -6.46 0.91
N THR A 187 2.91 -5.45 1.08
CA THR A 187 3.35 -4.11 1.44
C THR A 187 4.03 -4.15 2.81
N GLN A 188 3.39 -4.84 3.75
CA GLN A 188 3.94 -4.99 5.10
CA GLN A 188 3.94 -4.99 5.10
C GLN A 188 5.33 -5.62 5.06
N SER A 189 5.44 -6.74 4.35
CA SER A 189 6.70 -7.49 4.25
C SER A 189 7.80 -6.72 3.53
N GLN A 190 7.43 -5.98 2.49
CA GLN A 190 8.41 -5.20 1.72
C GLN A 190 8.97 -4.03 2.53
N LEU A 191 8.13 -3.42 3.37
CA LEU A 191 8.56 -2.30 4.20
C LEU A 191 9.41 -2.78 5.37
N SER A 192 9.01 -3.90 5.97
CA SER A 192 9.77 -4.50 7.06
C SER A 192 11.15 -4.92 6.58
N ARG A 193 11.22 -5.30 5.31
CA ARG A 193 12.49 -5.63 4.68
C ARG A 193 13.40 -4.40 4.62
N GLN A 194 12.82 -3.26 4.25
CA GLN A 194 13.58 -2.03 4.11
C GLN A 194 14.07 -1.50 5.45
N VAL A 195 13.26 -1.67 6.49
CA VAL A 195 13.68 -1.28 7.84
C VAL A 195 14.84 -2.15 8.28
N HIS A 196 14.70 -3.45 8.06
CA HIS A 196 15.74 -4.41 8.44
C HIS A 196 17.06 -4.15 7.73
N GLN A 197 16.99 -3.68 6.49
CA GLN A 197 18.19 -3.36 5.74
C GLN A 197 18.86 -2.10 6.31
N GLN A 198 18.06 -1.23 6.90
CA GLN A 198 18.58 -0.04 7.57
C GLN A 198 19.29 -0.43 8.87
N GLN A 199 18.79 -1.47 9.52
CA GLN A 199 19.42 -1.99 10.74
C GLN A 199 20.78 -2.63 10.44
N VAL A 200 20.82 -3.40 9.36
CA VAL A 200 22.06 -4.06 8.95
C VAL A 200 23.11 -3.02 8.54
N GLN A 201 22.65 -1.97 7.88
CA GLN A 201 23.52 -0.88 7.46
C GLN A 201 24.15 -0.20 8.67
N GLU A 202 23.32 0.14 9.66
CA GLU A 202 23.80 0.83 10.85
C GLU A 202 24.65 -0.07 11.73
N ALA A 203 24.29 -1.34 11.81
CA ALA A 203 25.05 -2.30 12.62
C ALA A 203 26.43 -2.53 12.04
N LEU A 204 26.55 -2.43 10.72
CA LEU A 204 27.85 -2.55 10.06
C LEU A 204 28.72 -1.33 10.37
N VAL A 205 28.12 -0.15 10.35
CA VAL A 205 28.84 1.08 10.66
C VAL A 205 29.37 1.10 12.09
N GLN A 206 28.51 0.74 13.04
CA GLN A 206 28.89 0.73 14.45
C GLN A 206 29.98 -0.29 14.75
N ARG A 207 29.94 -1.43 14.06
CA ARG A 207 30.93 -2.47 14.25
C ARG A 207 32.29 -2.03 13.70
N LEU A 208 32.27 -1.38 12.53
CA LEU A 208 33.49 -0.84 11.93
C LEU A 208 34.12 0.25 12.80
N GLU A 209 33.29 1.12 13.36
CA GLU A 209 33.76 2.20 14.21
C GLU A 209 34.42 1.68 15.47
N THR A 210 33.80 0.67 16.08
CA THR A 210 34.33 0.07 17.30
C THR A 210 35.65 -0.63 17.02
N THR A 211 35.75 -1.30 15.88
CA THR A 211 36.97 -2.02 15.50
C THR A 211 38.19 -1.09 15.42
N VAL A 212 38.02 0.04 14.74
CA VAL A 212 39.08 1.02 14.59
C VAL A 212 39.45 1.65 15.93
N ALA A 213 38.44 2.03 16.69
CA ALA A 213 38.64 2.64 18.01
C ALA A 213 39.40 1.72 18.96
N GLN A 214 39.23 0.41 18.79
CA GLN A 214 39.86 -0.57 19.67
C GLN A 214 41.28 -0.92 19.23
N TYR A 215 41.47 -1.07 17.91
CA TYR A 215 42.72 -1.60 17.40
C TYR A 215 43.61 -0.55 16.73
N GLY A 216 43.01 0.40 16.01
CA GLY A 216 43.76 1.48 15.41
C GLY A 216 44.26 1.17 14.01
N ASP A 217 45.48 1.61 13.71
CA ASP A 217 46.05 1.45 12.37
C ASP A 217 46.99 0.26 12.29
N ARG A 218 46.44 -0.94 12.51
CA ARG A 218 47.21 -2.17 12.44
C ARG A 218 46.48 -3.18 11.56
N PRO A 219 47.21 -4.16 11.00
CA PRO A 219 46.61 -5.14 10.09
C PRO A 219 45.39 -5.88 10.64
N GLU A 220 45.35 -6.10 11.96
CA GLU A 220 44.22 -6.80 12.59
C GLU A 220 42.91 -6.04 12.39
N THR A 221 42.98 -4.71 12.43
CA THR A 221 41.81 -3.86 12.21
C THR A 221 41.23 -4.10 10.82
N TRP A 222 42.10 -4.03 9.82
CA TRP A 222 41.66 -4.11 8.43
C TRP A 222 41.24 -5.51 8.02
N GLN A 223 41.85 -6.52 8.63
CA GLN A 223 41.48 -7.90 8.37
C GLN A 223 40.10 -8.19 8.96
N TYR A 224 39.85 -7.68 10.16
CA TYR A 224 38.56 -7.89 10.82
C TYR A 224 37.46 -7.07 10.15
N ALA A 225 37.81 -5.86 9.75
CA ALA A 225 36.84 -4.97 9.10
C ALA A 225 36.39 -5.51 7.74
N LEU A 226 37.35 -5.98 6.94
CA LEU A 226 37.06 -6.52 5.62
C LEU A 226 36.06 -7.68 5.66
N GLU A 227 36.33 -8.67 6.51
CA GLU A 227 35.47 -9.84 6.58
C GLU A 227 34.15 -9.55 7.27
N THR A 228 34.09 -8.48 8.04
CA THR A 228 32.84 -8.04 8.64
C THR A 228 31.94 -7.48 7.55
N VAL A 229 32.56 -6.78 6.60
CA VAL A 229 31.83 -6.19 5.48
C VAL A 229 31.38 -7.28 4.51
N GLY A 230 32.30 -8.17 4.15
CA GLY A 230 32.00 -9.27 3.26
C GLY A 230 30.85 -10.12 3.73
N GLN A 231 30.74 -10.28 5.05
CA GLN A 231 29.68 -11.08 5.64
C GLN A 231 28.35 -10.33 5.63
N ALA A 232 28.40 -9.03 5.86
CA ALA A 232 27.20 -8.21 5.87
C ALA A 232 26.57 -8.12 4.48
N VAL A 233 27.42 -7.95 3.46
CA VAL A 233 26.96 -7.82 2.08
C VAL A 233 26.73 -9.21 1.46
N GLU A 234 26.97 -10.24 2.26
CA GLU A 234 26.75 -11.63 1.85
C GLU A 234 27.50 -11.99 0.57
N ALA A 235 28.78 -11.63 0.52
CA ALA A 235 29.64 -12.02 -0.58
C ALA A 235 30.23 -13.39 -0.30
N ASP A 236 30.82 -14.00 -1.31
CA ASP A 236 31.46 -15.30 -1.14
C ASP A 236 32.95 -15.13 -0.83
N GLY A 237 33.46 -13.94 -1.14
CA GLY A 237 34.84 -13.59 -0.87
C GLY A 237 35.01 -12.10 -0.96
N ALA A 238 36.11 -11.57 -0.40
CA ALA A 238 36.34 -10.14 -0.40
C ALA A 238 37.81 -9.76 -0.29
N VAL A 239 38.18 -8.60 -0.82
CA VAL A 239 39.54 -8.10 -0.74
C VAL A 239 39.56 -6.59 -0.46
N LEU A 240 40.29 -6.19 0.58
CA LEU A 240 40.51 -4.78 0.85
C LEU A 240 41.94 -4.41 0.51
N TYR A 241 42.11 -3.49 -0.44
CA TYR A 241 43.43 -3.04 -0.84
C TYR A 241 43.71 -1.64 -0.30
N ILE A 242 44.87 -1.48 0.33
CA ILE A 242 45.26 -0.18 0.87
C ILE A 242 46.50 0.35 0.15
N ALA A 243 46.35 1.49 -0.51
CA ALA A 243 47.41 2.07 -1.33
C ALA A 243 48.50 2.69 -0.46
N PRO A 244 49.73 2.84 -1.02
CA PRO A 244 50.80 3.55 -0.33
C PRO A 244 50.40 4.97 0.04
N ASP A 245 50.61 5.34 1.31
CA ASP A 245 50.19 6.64 1.82
C ASP A 245 51.23 7.72 1.54
N LEU A 246 51.27 8.72 2.42
CA LEU A 246 52.19 9.84 2.28
C LEU A 246 53.64 9.38 2.36
N THR A 247 54.46 9.87 1.43
CA THR A 247 55.88 9.53 1.36
C THR A 247 56.12 8.03 1.16
N GLY A 248 55.12 7.34 0.59
CA GLY A 248 55.22 5.93 0.32
C GLY A 248 55.10 5.08 1.57
N SER A 249 54.37 3.97 1.45
CA SER A 249 54.18 3.04 2.57
C SER A 249 53.90 1.64 2.06
N VAL A 250 54.66 1.22 1.06
CA VAL A 250 54.49 -0.10 0.42
C VAL A 250 53.06 -0.30 -0.07
N ALA A 251 52.45 -1.42 0.31
CA ALA A 251 51.07 -1.73 -0.07
C ALA A 251 50.49 -2.82 0.81
N GLN A 252 49.25 -2.63 1.22
CA GLN A 252 48.56 -3.60 2.07
C GLN A 252 47.33 -4.17 1.37
N HIS A 253 47.14 -5.48 1.48
CA HIS A 253 45.92 -6.11 0.98
C HIS A 253 45.44 -7.18 1.96
N TYR A 254 44.12 -7.31 2.09
CA TYR A 254 43.54 -8.26 3.03
C TYR A 254 42.47 -9.09 2.34
N GLN A 255 42.40 -10.37 2.68
CA GLN A 255 41.53 -11.30 1.97
C GLN A 255 40.63 -12.11 2.89
N TRP A 256 39.45 -12.46 2.39
CA TRP A 256 38.50 -13.28 3.12
C TRP A 256 37.88 -14.33 2.21
N ASN A 257 37.90 -15.59 2.66
CA ASN A 257 37.40 -16.71 1.88
C ASN A 257 38.05 -16.84 0.50
N LEU A 258 39.37 -16.71 0.47
CA LEU A 258 40.14 -16.91 -0.75
C LEU A 258 41.15 -18.04 -0.51
N ARG A 259 42.04 -18.27 -1.47
CA ARG A 259 43.04 -19.33 -1.32
C ARG A 259 44.45 -18.93 -1.75
N PHE A 260 44.55 -18.06 -2.74
CA PHE A 260 45.85 -17.62 -3.22
C PHE A 260 46.04 -16.11 -3.01
N ASP A 261 47.30 -15.70 -2.91
CA ASP A 261 47.62 -14.31 -2.65
C ASP A 261 47.38 -13.44 -3.88
N TRP A 262 46.49 -12.45 -3.73
CA TRP A 262 46.21 -11.52 -4.81
C TRP A 262 47.22 -10.38 -4.84
N GLY A 263 48.16 -10.40 -3.89
CA GLY A 263 49.13 -9.33 -3.71
C GLY A 263 49.82 -8.87 -4.99
N ASN A 264 50.37 -9.81 -5.74
CA ASN A 264 51.05 -9.50 -6.99
C ASN A 264 50.06 -9.14 -8.10
N TRP A 265 48.90 -9.77 -8.06
CA TRP A 265 47.89 -9.56 -9.10
C TRP A 265 47.26 -8.17 -8.98
N LEU A 266 47.20 -7.66 -7.76
CA LEU A 266 46.59 -6.36 -7.51
C LEU A 266 47.50 -5.21 -7.94
N GLU A 267 48.78 -5.49 -8.06
CA GLU A 267 49.75 -4.47 -8.47
C GLU A 267 49.78 -4.34 -10.00
N THR A 268 49.03 -5.21 -10.67
CA THR A 268 48.94 -5.19 -12.13
C THR A 268 48.32 -3.88 -12.60
N SER A 269 48.66 -3.48 -13.83
CA SER A 269 48.06 -2.32 -14.45
C SER A 269 46.54 -2.48 -14.51
N LEU A 270 46.11 -3.72 -14.77
CA LEU A 270 44.69 -4.06 -14.82
C LEU A 270 43.96 -3.64 -13.55
N TRP A 271 44.43 -4.13 -12.41
CA TRP A 271 43.74 -3.91 -11.15
C TRP A 271 43.90 -2.50 -10.59
N GLN A 272 45.04 -1.87 -10.87
CA GLN A 272 45.25 -0.48 -10.47
C GLN A 272 44.20 0.41 -11.15
N GLU A 273 43.87 0.08 -12.39
CA GLU A 273 42.81 0.79 -13.11
C GLU A 273 41.44 0.39 -12.58
N LEU A 274 41.25 -0.90 -12.33
CA LEU A 274 39.98 -1.41 -11.81
C LEU A 274 39.66 -0.85 -10.43
N MET A 275 40.65 -0.88 -9.53
CA MET A 275 40.46 -0.43 -8.15
C MET A 275 40.13 1.05 -8.06
N ARG A 276 40.58 1.82 -9.04
CA ARG A 276 40.30 3.26 -9.09
C ARG A 276 38.97 3.53 -9.80
N GLY A 277 38.35 2.48 -10.31
CA GLY A 277 37.08 2.60 -11.03
C GLY A 277 37.28 3.12 -12.44
N GLN A 278 38.50 3.02 -12.94
CA GLN A 278 38.85 3.56 -14.25
C GLN A 278 38.78 2.49 -15.35
N PRO A 279 38.21 2.84 -16.50
CA PRO A 279 38.16 1.95 -17.66
C PRO A 279 39.52 1.85 -18.36
N SER A 280 39.67 2.56 -19.48
CA SER A 280 40.90 2.56 -20.26
C SER A 280 41.31 1.17 -20.73
N ALA A 281 40.31 0.32 -20.95
CA ALA A 281 40.56 -1.06 -21.39
C ALA A 281 39.34 -1.65 -22.07
N ASN A 309 32.40 9.85 -3.61
CA ASN A 309 33.00 9.37 -4.85
C ASN A 309 33.16 7.86 -4.86
N CYS A 310 32.85 7.22 -3.74
CA CYS A 310 32.92 5.77 -3.62
C CYS A 310 31.73 5.09 -4.30
N VAL A 311 31.69 5.19 -5.63
CA VAL A 311 30.60 4.61 -6.41
C VAL A 311 30.95 3.17 -6.83
N PRO A 312 30.24 2.19 -6.26
CA PRO A 312 30.48 0.77 -6.57
C PRO A 312 30.05 0.41 -7.99
N HIS A 313 30.90 -0.33 -8.69
CA HIS A 313 30.60 -0.77 -10.04
C HIS A 313 30.70 -2.30 -10.12
N GLY A 314 29.69 -2.91 -10.72
CA GLY A 314 29.65 -4.35 -10.86
C GLY A 314 30.27 -4.85 -12.14
N TYR A 315 30.89 -6.03 -12.07
CA TYR A 315 31.52 -6.64 -13.23
C TYR A 315 31.29 -8.14 -13.23
N THR A 316 31.23 -8.73 -14.42
CA THR A 316 31.28 -10.17 -14.55
C THR A 316 32.69 -10.56 -14.99
N LEU A 317 33.07 -11.81 -14.72
CA LEU A 317 34.40 -12.29 -15.09
C LEU A 317 34.63 -12.19 -16.60
N GLY A 318 33.59 -12.49 -17.37
CA GLY A 318 33.67 -12.47 -18.81
C GLY A 318 33.87 -11.08 -19.40
N GLU A 319 33.61 -10.05 -18.60
CA GLU A 319 33.78 -8.67 -19.03
C GLU A 319 35.21 -8.19 -18.75
N LEU A 320 35.77 -8.64 -17.64
CA LEU A 320 37.13 -8.29 -17.26
C LEU A 320 38.16 -8.90 -18.20
N GLU A 321 37.88 -10.12 -18.65
CA GLU A 321 38.78 -10.83 -19.55
C GLU A 321 38.84 -10.18 -20.92
N GLN A 322 37.82 -9.36 -21.23
CA GLN A 322 37.75 -8.68 -22.51
C GLN A 322 38.44 -7.33 -22.48
N ARG A 323 39.00 -6.99 -21.32
CA ARG A 323 39.75 -5.73 -21.19
C ARG A 323 41.09 -5.85 -21.90
N SER A 324 41.57 -4.74 -22.45
CA SER A 324 42.81 -4.73 -23.20
C SER A 324 44.03 -4.98 -22.31
N ASP A 325 43.91 -4.61 -21.03
CA ASP A 325 45.00 -4.79 -20.09
C ASP A 325 44.80 -6.02 -19.19
N TRP A 326 43.90 -6.90 -19.60
CA TRP A 326 43.62 -8.12 -18.84
C TRP A 326 44.83 -9.06 -18.79
N ILE A 327 45.33 -9.29 -17.58
CA ILE A 327 46.39 -10.25 -17.37
C ILE A 327 45.88 -11.42 -16.52
N ALA A 328 46.03 -12.63 -17.04
CA ALA A 328 45.52 -13.83 -16.39
C ALA A 328 46.08 -14.04 -14.99
N PRO A 329 45.20 -14.40 -14.04
CA PRO A 329 45.58 -14.77 -12.67
C PRO A 329 46.20 -16.16 -12.66
N PRO A 330 46.81 -16.58 -11.53
CA PRO A 330 47.38 -17.92 -11.39
C PRO A 330 46.42 -19.06 -11.75
N GLU A 331 46.95 -20.27 -11.83
CA GLU A 331 46.19 -21.43 -12.28
C GLU A 331 45.00 -21.74 -11.37
N SER A 332 45.27 -21.91 -10.08
CA SER A 332 44.22 -22.22 -9.12
C SER A 332 43.50 -20.96 -8.65
N LEU A 333 43.18 -20.08 -9.59
CA LEU A 333 42.52 -18.82 -9.29
C LEU A 333 41.13 -18.75 -9.91
N SER A 334 41.07 -18.98 -11.22
CA SER A 334 39.82 -18.91 -11.96
C SER A 334 38.98 -20.17 -11.78
N ALA A 335 39.52 -21.14 -11.05
CA ALA A 335 38.82 -22.41 -10.83
C ALA A 335 37.97 -22.37 -9.57
N GLU A 336 37.92 -21.20 -8.92
CA GLU A 336 37.14 -21.03 -7.70
C GLU A 336 35.72 -20.56 -8.01
N ASN A 337 35.37 -20.58 -9.30
CA ASN A 337 34.03 -20.22 -9.77
C ASN A 337 33.60 -18.77 -9.50
N PHE A 338 34.56 -17.91 -9.16
CA PHE A 338 34.26 -16.50 -8.96
C PHE A 338 33.89 -15.83 -10.27
N GLN A 339 32.64 -15.38 -10.37
CA GLN A 339 32.12 -14.85 -11.63
C GLN A 339 31.70 -13.39 -11.51
N SER A 340 31.29 -12.98 -10.31
CA SER A 340 30.76 -11.63 -10.11
C SER A 340 31.67 -10.78 -9.21
N PHE A 341 31.96 -9.58 -9.67
CA PHE A 341 32.84 -8.66 -8.93
C PHE A 341 32.13 -7.33 -8.67
N LEU A 342 32.20 -6.87 -7.43
CA LEU A 342 31.71 -5.54 -7.09
C LEU A 342 32.87 -4.71 -6.54
N ILE A 343 33.45 -3.87 -7.40
CA ILE A 343 34.62 -3.09 -7.04
C ILE A 343 34.24 -1.68 -6.60
N VAL A 344 34.71 -1.29 -5.43
CA VAL A 344 34.43 0.04 -4.89
C VAL A 344 35.73 0.78 -4.58
N PRO A 345 35.98 1.89 -5.29
CA PRO A 345 37.16 2.71 -5.02
C PRO A 345 37.03 3.47 -3.70
N LEU A 346 38.10 3.47 -2.91
CA LEU A 346 38.12 4.25 -1.67
C LEU A 346 38.68 5.64 -1.97
N ALA A 347 37.82 6.51 -2.48
CA ALA A 347 38.27 7.82 -2.95
C ALA A 347 37.33 8.96 -2.56
N ALA A 348 37.82 10.17 -2.74
CA ALA A 348 37.04 11.38 -2.52
C ALA A 348 37.71 12.52 -3.28
N ASP A 349 37.28 12.73 -4.52
CA ASP A 349 37.88 13.72 -5.42
C ASP A 349 39.38 13.45 -5.62
N GLN A 350 40.21 14.39 -5.21
CA GLN A 350 41.64 14.27 -5.35
C GLN A 350 42.27 13.51 -4.19
N GLN A 351 41.75 12.31 -3.91
CA GLN A 351 42.25 11.48 -2.82
C GLN A 351 41.79 10.03 -2.93
N TRP A 352 42.55 9.22 -3.64
CA TRP A 352 42.29 7.79 -3.73
C TRP A 352 43.25 7.03 -2.82
N VAL A 353 42.70 6.27 -1.88
CA VAL A 353 43.52 5.64 -0.84
C VAL A 353 43.50 4.11 -0.87
N GLY A 354 42.57 3.54 -1.64
CA GLY A 354 42.47 2.10 -1.73
C GLY A 354 41.22 1.63 -2.45
N SER A 355 40.83 0.38 -2.19
CA SER A 355 39.66 -0.20 -2.85
C SER A 355 39.08 -1.40 -2.11
N LEU A 356 37.76 -1.54 -2.19
CA LEU A 356 37.06 -2.69 -1.63
C LEU A 356 36.57 -3.58 -2.77
N ILE A 357 36.95 -4.85 -2.74
CA ILE A 357 36.58 -5.78 -3.79
C ILE A 357 35.72 -6.93 -3.26
N LEU A 358 34.46 -6.98 -3.68
CA LEU A 358 33.55 -8.04 -3.24
C LEU A 358 33.32 -9.05 -4.37
N LEU A 359 33.37 -10.33 -4.04
CA LEU A 359 33.29 -11.39 -5.03
C LEU A 359 32.12 -12.35 -4.79
N ARG A 360 31.58 -12.91 -5.87
CA ARG A 360 30.53 -13.92 -5.76
C ARG A 360 30.71 -15.07 -6.74
N LYS A 361 30.53 -16.28 -6.23
CA LYS A 361 30.67 -17.49 -7.04
C LYS A 361 29.41 -17.80 -7.82
N GLU A 362 29.59 -18.47 -8.96
CA GLU A 362 28.48 -18.99 -9.74
C GLU A 362 27.63 -19.90 -8.88
N LYS A 363 26.32 -19.67 -8.87
CA LYS A 363 25.42 -20.44 -8.02
C LYS A 363 24.52 -21.37 -8.83
N SER A 364 24.29 -22.57 -8.29
CA SER A 364 23.42 -23.55 -8.94
C SER A 364 22.05 -23.56 -8.29
N LEU A 365 21.02 -23.20 -9.04
CA LEU A 365 19.66 -23.20 -8.51
C LEU A 365 18.79 -24.30 -9.12
N VAL A 366 18.01 -24.96 -8.28
CA VAL A 366 17.12 -26.02 -8.72
C VAL A 366 15.67 -25.56 -8.69
N LYS A 367 15.00 -25.68 -9.83
CA LYS A 367 13.58 -25.36 -9.93
C LYS A 367 12.78 -26.58 -10.35
N HIS A 368 11.70 -26.85 -9.62
CA HIS A 368 10.77 -27.90 -10.01
C HIS A 368 9.61 -27.30 -10.78
N TRP A 369 9.53 -27.63 -12.06
CA TRP A 369 8.46 -27.13 -12.92
C TRP A 369 7.28 -28.11 -12.95
N ALA A 370 6.09 -27.60 -13.26
CA ALA A 370 4.91 -28.43 -13.38
C ALA A 370 4.77 -28.96 -14.81
N GLY A 371 5.39 -30.10 -15.07
CA GLY A 371 5.38 -30.68 -16.40
C GLY A 371 6.63 -30.31 -17.18
N LYS A 372 6.84 -30.97 -18.31
CA LYS A 372 8.01 -30.72 -19.14
C LYS A 372 7.78 -29.57 -20.11
N ARG A 373 8.36 -28.41 -19.81
CA ARG A 373 8.26 -27.25 -20.68
C ARG A 373 9.53 -27.06 -21.50
N GLY A 374 10.68 -27.08 -20.81
CA GLY A 374 11.96 -26.91 -21.48
C GLY A 374 12.43 -28.17 -22.16
N ASN A 379 3.59 -24.31 -27.52
CA ASN A 379 3.31 -23.76 -28.85
C ASN A 379 1.81 -23.70 -29.14
N ILE A 380 1.34 -24.59 -30.01
CA ILE A 380 -0.06 -24.60 -30.41
C ILE A 380 -0.92 -25.43 -29.46
N LEU A 381 -0.31 -26.41 -28.80
CA LEU A 381 -1.04 -27.29 -27.91
C LEU A 381 -0.51 -27.19 -26.49
N PRO A 382 -1.41 -27.33 -25.49
CA PRO A 382 -1.01 -27.31 -24.09
C PRO A 382 -0.45 -28.65 -23.65
N ARG A 383 0.50 -28.64 -22.72
CA ARG A 383 0.99 -29.89 -22.15
C ARG A 383 -0.12 -30.52 -21.31
N LEU A 384 -0.17 -31.85 -21.29
CA LEU A 384 -1.27 -32.55 -20.63
C LEU A 384 -0.80 -33.29 -19.39
N SER A 385 0.48 -33.09 -19.04
CA SER A 385 1.05 -33.63 -17.82
C SER A 385 1.66 -32.49 -17.00
N PHE A 386 1.36 -32.46 -15.70
CA PHE A 386 1.88 -31.42 -14.82
C PHE A 386 2.74 -31.99 -13.70
N GLU A 387 3.41 -33.11 -13.98
CA GLU A 387 4.28 -33.74 -12.99
C GLU A 387 5.52 -32.90 -12.75
N ALA A 388 6.08 -33.03 -11.56
CA ALA A 388 7.25 -32.25 -11.17
C ALA A 388 8.47 -32.58 -12.03
N TRP A 389 8.94 -31.58 -12.78
CA TRP A 389 10.14 -31.73 -13.59
C TRP A 389 11.26 -30.88 -12.99
N GLU A 390 12.37 -31.53 -12.66
CA GLU A 390 13.50 -30.84 -12.02
C GLU A 390 14.47 -30.26 -13.04
N GLU A 391 14.89 -29.01 -12.82
CA GLU A 391 15.86 -28.37 -13.68
C GLU A 391 16.93 -27.64 -12.87
N THR A 392 18.19 -27.76 -13.28
CA THR A 392 19.28 -27.07 -12.62
C THR A 392 19.82 -25.97 -13.52
N GLN A 393 19.98 -24.77 -12.96
CA GLN A 393 20.38 -23.61 -13.74
C GLN A 393 21.54 -22.85 -13.09
N LYS A 394 22.61 -22.64 -13.85
CA LYS A 394 23.75 -21.86 -13.39
C LYS A 394 23.49 -20.38 -13.62
N LEU A 395 23.10 -19.68 -12.56
CA LEU A 395 22.77 -18.26 -12.65
C LEU A 395 23.95 -17.37 -12.33
N VAL A 396 24.10 -16.29 -13.09
CA VAL A 396 25.15 -15.30 -12.84
C VAL A 396 24.73 -14.38 -11.69
N PRO A 397 25.57 -14.31 -10.65
CA PRO A 397 25.28 -13.52 -9.45
C PRO A 397 25.10 -12.04 -9.75
N THR A 398 24.15 -11.40 -9.07
CA THR A 398 23.93 -9.97 -9.21
C THR A 398 23.98 -9.28 -7.85
N TRP A 399 24.44 -8.03 -7.86
CA TRP A 399 24.50 -7.23 -6.64
C TRP A 399 23.34 -6.25 -6.62
N ASN A 400 22.32 -6.56 -5.82
CA ASN A 400 21.10 -5.75 -5.81
C ASN A 400 21.23 -4.36 -5.21
N ARG A 401 20.12 -3.65 -5.12
CA ARG A 401 20.08 -2.27 -4.66
C ARG A 401 20.63 -2.13 -3.24
N SER A 402 20.13 -2.97 -2.34
CA SER A 402 20.51 -2.91 -0.93
C SER A 402 21.99 -3.21 -0.70
N GLU A 403 22.50 -4.24 -1.38
CA GLU A 403 23.88 -4.65 -1.23
C GLU A 403 24.85 -3.60 -1.75
N ARG A 404 24.48 -2.95 -2.85
CA ARG A 404 25.31 -1.90 -3.43
C ARG A 404 25.36 -0.69 -2.50
N LYS A 405 24.23 -0.35 -1.91
CA LYS A 405 24.15 0.73 -0.94
C LYS A 405 25.02 0.39 0.26
N LEU A 406 24.94 -0.86 0.71
CA LEU A 406 25.68 -1.32 1.87
C LEU A 406 27.19 -1.27 1.61
N ALA A 407 27.59 -1.61 0.39
CA ALA A 407 28.99 -1.58 0.02
C ALA A 407 29.50 -0.13 -0.06
N GLN A 408 28.62 0.77 -0.51
CA GLN A 408 28.94 2.18 -0.57
C GLN A 408 29.20 2.71 0.83
N VAL A 409 28.23 2.49 1.71
CA VAL A 409 28.32 2.91 3.10
C VAL A 409 29.55 2.33 3.80
N ALA A 410 29.86 1.07 3.48
CA ALA A 410 31.01 0.40 4.08
C ALA A 410 32.33 1.04 3.66
N SER A 411 32.49 1.24 2.35
CA SER A 411 33.73 1.78 1.81
C SER A 411 33.92 3.24 2.23
N THR A 412 32.82 3.97 2.39
CA THR A 412 32.88 5.35 2.88
C THR A 412 33.48 5.36 4.29
N GLN A 413 33.02 4.44 5.12
CA GLN A 413 33.52 4.30 6.47
C GLN A 413 35.00 3.92 6.45
N LEU A 414 35.35 3.02 5.52
CA LEU A 414 36.73 2.58 5.36
C LEU A 414 37.64 3.72 4.93
N TYR A 415 37.12 4.60 4.09
CA TYR A 415 37.88 5.75 3.63
C TYR A 415 38.16 6.72 4.78
N MET A 416 37.12 6.99 5.58
CA MET A 416 37.25 7.90 6.71
C MET A 416 38.16 7.32 7.79
N ALA A 417 38.22 5.99 7.88
CA ALA A 417 39.03 5.33 8.90
C ALA A 417 40.49 5.29 8.49
N ILE A 418 40.75 5.19 7.19
CA ILE A 418 42.10 5.13 6.68
C ILE A 418 42.80 6.48 6.76
N THR A 419 42.03 7.55 6.53
CA THR A 419 42.56 8.91 6.62
C THR A 419 42.57 9.41 8.07
N GLN A 420 42.57 8.48 9.02
CA GLN A 420 42.64 8.80 10.45
C GLN A 420 41.51 9.73 10.91
N GLN A 421 40.34 9.16 11.17
CA GLN A 421 39.20 9.94 11.66
C GLN A 421 39.40 10.33 13.11
N ASN B 4 -18.40 -23.67 2.72
CA ASN B 4 -19.09 -24.43 3.75
C ASN B 4 -19.27 -23.64 5.04
N ARG B 5 -18.60 -22.49 5.13
CA ARG B 5 -18.70 -21.63 6.30
C ARG B 5 -19.56 -20.40 6.02
N SER B 6 -20.26 -19.93 7.03
CA SER B 6 -21.07 -18.72 6.91
C SER B 6 -20.18 -17.49 6.76
N LEU B 7 -20.74 -16.39 6.28
CA LEU B 7 -19.98 -15.17 6.04
C LEU B 7 -19.65 -14.44 7.35
N GLU B 8 -20.58 -14.48 8.29
CA GLU B 8 -20.41 -13.80 9.58
C GLU B 8 -19.18 -14.32 10.32
N ASP B 9 -19.00 -15.63 10.31
CA ASP B 9 -17.86 -16.26 10.98
C ASP B 9 -16.55 -15.92 10.27
N PHE B 10 -16.61 -15.77 8.95
CA PHE B 10 -15.42 -15.51 8.17
C PHE B 10 -14.87 -14.09 8.40
N LEU B 11 -15.75 -13.11 8.34
CA LEU B 11 -15.35 -11.71 8.49
C LEU B 11 -14.77 -11.42 9.87
N ARG B 12 -15.29 -12.10 10.88
CA ARG B 12 -14.81 -11.93 12.25
C ARG B 12 -13.43 -12.56 12.41
N ASN B 13 -13.13 -13.57 11.60
CA ASN B 13 -11.80 -14.17 11.59
C ASN B 13 -10.78 -13.31 10.88
N VAL B 14 -11.22 -12.61 9.83
CA VAL B 14 -10.36 -11.70 9.09
C VAL B 14 -9.89 -10.56 9.98
N ILE B 15 -10.81 -10.01 10.76
CA ILE B 15 -10.49 -8.92 11.67
C ILE B 15 -9.59 -9.40 12.81
N ASN B 16 -9.91 -10.57 13.35
CA ASN B 16 -9.15 -11.13 14.46
C ASN B 16 -7.71 -11.47 14.07
N LYS B 17 -7.51 -11.85 12.82
CA LYS B 17 -6.21 -12.33 12.36
C LYS B 17 -5.35 -11.27 11.64
N PHE B 18 -6.00 -10.27 11.06
CA PHE B 18 -5.28 -9.29 10.25
C PHE B 18 -5.49 -7.85 10.70
N HIS B 19 -6.50 -7.61 11.54
CA HIS B 19 -6.89 -6.24 11.88
C HIS B 19 -7.00 -5.98 13.38
N ARG B 20 -6.18 -6.67 14.17
CA ARG B 20 -6.13 -6.41 15.61
C ARG B 20 -4.84 -5.69 15.98
N ALA B 21 -4.90 -4.36 15.97
CA ALA B 21 -3.74 -3.53 16.30
C ALA B 21 -4.21 -2.14 16.74
N LEU B 22 -3.30 -1.16 16.63
CA LEU B 22 -3.63 0.20 17.00
C LEU B 22 -4.54 0.85 15.94
N THR B 23 -5.34 1.83 16.37
CA THR B 23 -6.17 2.58 15.45
C THR B 23 -5.29 3.51 14.62
N LEU B 24 -5.86 4.08 13.57
CA LEU B 24 -5.12 4.98 12.70
C LEU B 24 -4.63 6.21 13.48
N ARG B 25 -5.53 6.79 14.29
CA ARG B 25 -5.20 7.97 15.08
C ARG B 25 -4.06 7.70 16.07
N GLU B 26 -4.09 6.54 16.71
CA GLU B 26 -3.07 6.19 17.68
C GLU B 26 -1.71 5.97 17.04
N THR B 27 -1.70 5.46 15.81
CA THR B 27 -0.47 5.17 15.10
C THR B 27 0.23 6.45 14.63
N LEU B 28 -0.55 7.41 14.15
CA LEU B 28 -0.02 8.70 13.75
C LEU B 28 0.65 9.40 14.93
N GLN B 29 0.03 9.29 16.10
CA GLN B 29 0.57 9.89 17.32
C GLN B 29 1.85 9.19 17.78
N VAL B 30 1.88 7.86 17.66
CA VAL B 30 3.10 7.10 17.95
C VAL B 30 4.22 7.52 17.00
N ILE B 31 3.89 7.63 15.72
CA ILE B 31 4.87 7.98 14.69
C ILE B 31 5.49 9.37 14.86
N VAL B 32 4.67 10.39 15.10
CA VAL B 32 5.18 11.75 15.25
C VAL B 32 6.05 11.91 16.50
N GLU B 33 5.70 11.18 17.56
CA GLU B 33 6.45 11.26 18.80
C GLU B 33 7.83 10.63 18.65
N GLU B 34 7.91 9.55 17.88
CA GLU B 34 9.18 8.90 17.61
C GLU B 34 10.04 9.77 16.68
N ALA B 35 9.39 10.45 15.76
CA ALA B 35 10.10 11.32 14.81
C ALA B 35 10.71 12.54 15.51
N ARG B 36 9.96 13.15 16.42
CA ARG B 36 10.43 14.34 17.11
C ARG B 36 11.60 14.02 18.05
N ILE B 37 11.49 12.91 18.77
CA ILE B 37 12.53 12.48 19.71
C ILE B 37 13.81 12.11 18.97
N PHE B 38 13.67 11.40 17.86
CA PHE B 38 14.80 10.97 17.05
C PHE B 38 15.53 12.15 16.40
N LEU B 39 14.78 13.12 15.89
CA LEU B 39 15.37 14.27 15.21
C LEU B 39 15.80 15.35 16.19
N GLY B 40 15.18 15.38 17.37
CA GLY B 40 15.47 16.40 18.36
C GLY B 40 15.04 17.77 17.88
N VAL B 41 13.85 17.82 17.28
CA VAL B 41 13.29 19.07 16.78
C VAL B 41 12.13 19.54 17.64
N ASP B 42 11.62 20.74 17.35
CA ASP B 42 10.60 21.35 18.18
C ASP B 42 9.20 20.78 17.95
N ARG B 43 8.89 20.46 16.70
CA ARG B 43 7.54 20.02 16.36
C ARG B 43 7.46 19.12 15.12
N VAL B 44 6.81 17.98 15.27
CA VAL B 44 6.51 17.10 14.14
C VAL B 44 5.01 16.86 14.06
N LYS B 45 4.42 17.18 12.90
CA LYS B 45 2.97 17.08 12.73
C LYS B 45 2.59 16.16 11.57
N ILE B 46 1.36 15.63 11.63
CA ILE B 46 0.78 14.91 10.50
C ILE B 46 -0.50 15.61 10.06
N TYR B 47 -0.55 15.97 8.78
CA TYR B 47 -1.58 16.85 8.24
C TYR B 47 -2.32 16.14 7.11
N LYS B 48 -3.63 15.98 7.26
CA LYS B 48 -4.43 15.24 6.26
C LYS B 48 -5.32 16.15 5.45
N PHE B 49 -5.17 16.08 4.12
CA PHE B 49 -6.02 16.85 3.21
C PHE B 49 -7.47 16.39 3.17
N ALA B 50 -8.37 17.33 2.95
CA ALA B 50 -9.75 17.03 2.64
C ALA B 50 -9.89 17.12 1.12
N SER B 51 -11.08 16.87 0.61
CA SER B 51 -11.30 16.91 -0.84
C SER B 51 -11.16 18.33 -1.40
N ASP B 52 -11.54 19.32 -0.61
CA ASP B 52 -11.53 20.70 -1.08
C ASP B 52 -10.15 21.36 -1.04
N GLY B 53 -9.14 20.59 -0.65
CA GLY B 53 -7.78 21.08 -0.61
C GLY B 53 -7.34 21.51 0.78
N SER B 54 -8.31 21.76 1.65
CA SER B 54 -8.02 22.11 3.04
C SER B 54 -7.55 20.86 3.78
N GLY B 55 -7.15 21.03 5.03
CA GLY B 55 -6.63 19.92 5.80
C GLY B 55 -6.70 20.13 7.30
N GLU B 56 -6.36 19.09 8.05
CA GLU B 56 -6.42 19.14 9.50
C GLU B 56 -5.18 18.51 10.12
N VAL B 57 -4.68 19.12 11.19
CA VAL B 57 -3.58 18.54 11.95
C VAL B 57 -4.13 17.40 12.80
N LEU B 58 -3.95 16.17 12.31
CA LEU B 58 -4.49 15.00 13.00
C LEU B 58 -3.66 14.58 14.20
N ALA B 59 -2.35 14.63 14.07
CA ALA B 59 -1.45 14.24 15.16
C ALA B 59 -0.32 15.24 15.28
N GLU B 60 0.24 15.35 16.49
CA GLU B 60 1.27 16.35 16.76
C GLU B 60 2.13 16.01 17.98
N ALA B 61 3.44 16.14 17.81
CA ALA B 61 4.38 16.06 18.91
C ALA B 61 5.17 17.36 18.93
N VAL B 62 5.06 18.12 20.02
CA VAL B 62 5.62 19.47 20.05
C VAL B 62 6.23 19.87 21.38
N ASN B 63 7.42 20.45 21.32
CA ASN B 63 7.99 21.17 22.45
C ASN B 63 7.23 22.47 22.63
N ARG B 64 6.35 22.51 23.62
CA ARG B 64 5.46 23.64 23.81
C ARG B 64 6.17 24.95 24.17
N ALA B 65 7.38 24.83 24.73
CA ALA B 65 8.14 26.01 25.13
C ALA B 65 8.96 26.56 23.97
N ALA B 66 8.79 25.96 22.79
CA ALA B 66 9.51 26.40 21.59
C ALA B 66 8.59 26.73 20.44
N LEU B 67 7.56 25.89 20.24
CA LEU B 67 6.57 26.12 19.19
C LEU B 67 5.16 25.89 19.71
N PRO B 68 4.17 26.58 19.12
CA PRO B 68 2.77 26.41 19.51
C PRO B 68 2.21 25.06 19.08
N SER B 69 1.03 24.73 19.60
CA SER B 69 0.35 23.50 19.22
C SER B 69 -0.68 23.80 18.13
N LEU B 70 -0.69 22.97 17.10
CA LEU B 70 -1.62 23.15 15.98
C LEU B 70 -2.61 21.99 15.90
N LEU B 71 -2.59 21.13 16.92
CA LEU B 71 -3.44 19.95 16.95
C LEU B 71 -4.92 20.30 16.84
N GLY B 72 -5.57 19.76 15.82
CA GLY B 72 -7.00 19.93 15.63
C GLY B 72 -7.35 21.10 14.73
N LEU B 73 -6.35 21.89 14.36
CA LEU B 73 -6.58 23.07 13.54
C LEU B 73 -6.69 22.75 12.05
N HIS B 74 -7.49 23.53 11.34
CA HIS B 74 -7.65 23.37 9.90
C HIS B 74 -6.90 24.46 9.17
N PHE B 75 -6.28 24.12 8.05
CA PHE B 75 -5.65 25.11 7.18
C PHE B 75 -6.34 25.09 5.83
N PRO B 76 -6.52 26.26 5.22
CA PRO B 76 -7.29 26.34 3.96
C PRO B 76 -6.47 25.89 2.75
N VAL B 77 -7.12 25.84 1.59
CA VAL B 77 -6.47 25.35 0.37
C VAL B 77 -5.40 26.32 -0.15
N GLU B 78 -5.61 27.62 0.05
CA GLU B 78 -4.71 28.63 -0.50
C GLU B 78 -3.29 28.56 0.07
N ASP B 79 -3.15 27.96 1.25
CA ASP B 79 -1.83 27.85 1.88
C ASP B 79 -0.86 27.06 1.02
N ILE B 80 -1.37 26.02 0.36
CA ILE B 80 -0.54 25.20 -0.50
C ILE B 80 -1.04 25.28 -1.94
N PRO B 81 -0.31 26.03 -2.78
CA PRO B 81 -0.67 26.30 -4.19
C PRO B 81 -0.44 25.06 -5.06
N PRO B 82 -1.07 25.01 -6.26
CA PRO B 82 -1.01 23.88 -7.18
C PRO B 82 0.38 23.31 -7.43
N GLN B 83 1.37 24.18 -7.67
CA GLN B 83 2.73 23.73 -7.97
C GLN B 83 3.36 22.97 -6.80
N ALA B 84 3.04 23.39 -5.58
CA ALA B 84 3.56 22.71 -4.40
C ALA B 84 2.93 21.34 -4.23
N ARG B 85 1.62 21.25 -4.49
CA ARG B 85 0.92 19.98 -4.45
C ARG B 85 1.44 19.02 -5.52
N GLU B 86 1.85 19.59 -6.65
CA GLU B 86 2.39 18.81 -7.76
C GLU B 86 3.74 18.21 -7.41
N GLU B 87 4.58 19.00 -6.74
CA GLU B 87 5.91 18.54 -6.34
C GLU B 87 5.81 17.45 -5.29
N LEU B 88 4.95 17.67 -4.30
CA LEU B 88 4.76 16.72 -3.21
C LEU B 88 4.01 15.47 -3.68
N GLY B 89 3.03 15.65 -4.55
CA GLY B 89 2.13 14.58 -4.94
C GLY B 89 2.58 13.75 -6.13
N ASN B 90 2.46 14.32 -7.32
CA ASN B 90 2.83 13.60 -8.55
C ASN B 90 4.33 13.37 -8.68
N GLN B 91 5.13 14.24 -8.06
CA GLN B 91 6.58 14.11 -8.15
C GLN B 91 7.17 13.46 -6.91
N ARG B 92 6.37 13.41 -5.85
CA ARG B 92 6.77 12.77 -4.58
C ARG B 92 8.06 13.33 -4.01
N LYS B 93 8.13 14.66 -3.92
CA LYS B 93 9.32 15.34 -3.40
C LYS B 93 9.21 15.63 -1.92
N MET B 94 10.26 15.30 -1.17
CA MET B 94 10.41 15.79 0.19
C MET B 94 11.08 17.15 0.08
N ILE B 95 10.45 18.17 0.68
CA ILE B 95 10.95 19.53 0.54
C ILE B 95 11.48 20.10 1.85
N ALA B 96 12.74 20.54 1.85
CA ALA B 96 13.35 21.16 3.01
C ALA B 96 13.52 22.66 2.79
N VAL B 97 13.02 23.45 3.73
CA VAL B 97 13.13 24.91 3.63
C VAL B 97 14.06 25.48 4.70
N ASP B 98 15.15 26.09 4.25
CA ASP B 98 16.02 26.84 5.15
C ASP B 98 15.60 28.30 5.11
N VAL B 99 14.72 28.68 6.04
CA VAL B 99 14.07 29.99 6.03
C VAL B 99 15.01 31.19 6.06
N ALA B 100 16.03 31.15 6.92
CA ALA B 100 16.93 32.28 7.07
C ALA B 100 17.68 32.64 5.79
N HIS B 101 17.85 31.66 4.90
CA HIS B 101 18.54 31.89 3.64
C HIS B 101 17.60 31.88 2.46
N ARG B 102 16.30 31.74 2.74
CA ARG B 102 15.25 31.76 1.72
C ARG B 102 15.52 30.75 0.61
N ARG B 103 15.96 29.56 1.00
CA ARG B 103 16.31 28.54 0.02
C ARG B 103 15.67 27.19 0.33
N LYS B 104 15.58 26.35 -0.69
CA LYS B 104 14.97 25.03 -0.52
C LYS B 104 15.69 23.99 -1.36
N LYS B 105 15.63 22.74 -0.90
CA LYS B 105 16.14 21.61 -1.67
C LYS B 105 15.13 20.48 -1.63
N SER B 106 15.06 19.71 -2.71
CA SER B 106 14.10 18.62 -2.83
C SER B 106 14.78 17.29 -3.00
N HIS B 107 14.25 16.26 -2.35
CA HIS B 107 14.74 14.90 -2.54
C HIS B 107 13.59 13.93 -2.79
N GLU B 108 13.84 12.93 -3.61
CA GLU B 108 12.84 11.92 -3.94
C GLU B 108 12.46 11.07 -2.73
N LEU B 109 11.17 10.81 -2.59
CA LEU B 109 10.66 10.02 -1.47
C LEU B 109 11.22 8.59 -1.46
N SER B 110 11.62 8.10 -2.63
CA SER B 110 12.16 6.75 -2.75
C SER B 110 13.61 6.75 -3.24
N GLY B 111 14.05 7.88 -3.79
CA GLY B 111 15.41 8.00 -4.29
C GLY B 111 16.44 8.17 -3.19
N ARG B 112 17.52 7.40 -3.28
CA ARG B 112 18.57 7.41 -2.26
C ARG B 112 19.84 6.68 -2.72
N ILE B 113 20.96 7.39 -2.74
CA ILE B 113 22.25 6.79 -3.07
C ILE B 113 23.36 7.38 -2.18
N GLY B 121 20.88 17.99 -3.45
CA GLY B 121 21.88 18.81 -2.79
C GLY B 121 21.97 20.21 -3.37
N HIS B 122 21.02 20.56 -4.22
CA HIS B 122 20.99 21.86 -4.85
C HIS B 122 19.91 22.75 -4.24
N TYR B 123 20.21 24.03 -4.10
CA TYR B 123 19.28 24.96 -3.46
C TYR B 123 18.56 25.88 -4.45
N THR B 124 17.35 26.29 -4.09
CA THR B 124 16.53 27.17 -4.93
C THR B 124 15.78 28.17 -4.06
N THR B 125 15.68 29.41 -4.53
CA THR B 125 15.02 30.47 -3.77
C THR B 125 13.53 30.19 -3.52
N VAL B 126 13.12 30.37 -2.27
CA VAL B 126 11.73 30.17 -1.86
C VAL B 126 10.92 31.43 -2.09
N ASP B 127 9.66 31.27 -2.49
CA ASP B 127 8.76 32.41 -2.69
C ASP B 127 8.61 33.23 -1.41
N SER B 128 8.60 34.55 -1.55
CA SER B 128 8.56 35.46 -0.40
C SER B 128 7.36 35.23 0.52
N CYS B 129 6.24 34.80 -0.06
CA CYS B 129 5.04 34.52 0.73
C CYS B 129 5.23 33.37 1.69
N HIS B 130 5.85 32.29 1.21
CA HIS B 130 6.06 31.12 2.04
C HIS B 130 7.10 31.41 3.12
N ILE B 131 7.96 32.39 2.85
CA ILE B 131 8.96 32.82 3.82
C ILE B 131 8.31 33.57 4.96
N GLN B 132 7.43 34.52 4.64
CA GLN B 132 6.70 35.26 5.66
C GLN B 132 5.85 34.30 6.50
N TYR B 133 5.19 33.39 5.81
CA TYR B 133 4.34 32.36 6.39
C TYR B 133 5.03 31.58 7.49
N LEU B 134 6.18 31.00 7.17
CA LEU B 134 6.94 30.20 8.13
C LEU B 134 7.51 31.04 9.27
N LEU B 135 7.93 32.27 8.95
CA LEU B 135 8.39 33.21 9.96
C LEU B 135 7.26 33.49 10.95
N ALA B 136 6.06 33.71 10.43
CA ALA B 136 4.88 33.98 11.25
C ALA B 136 4.56 32.79 12.16
N MET B 137 5.02 31.61 11.77
CA MET B 137 4.84 30.41 12.59
C MET B 137 5.95 30.28 13.62
N GLY B 138 6.99 31.10 13.48
CA GLY B 138 8.17 31.00 14.32
C GLY B 138 9.08 29.88 13.86
N VAL B 139 9.00 29.52 12.59
CA VAL B 139 9.74 28.40 12.04
C VAL B 139 10.89 28.85 11.13
N LEU B 140 12.10 28.38 11.44
CA LEU B 140 13.26 28.71 10.61
C LEU B 140 13.77 27.50 9.82
N SER B 141 13.29 26.32 10.16
CA SER B 141 13.68 25.11 9.45
C SER B 141 12.50 24.17 9.29
N SER B 142 12.25 23.75 8.04
CA SER B 142 11.08 22.94 7.74
C SER B 142 11.42 21.76 6.83
N LEU B 143 10.85 20.59 7.14
CA LEU B 143 10.92 19.44 6.24
C LEU B 143 9.51 18.90 5.99
N THR B 144 9.07 18.97 4.74
CA THR B 144 7.74 18.50 4.39
C THR B 144 7.80 17.18 3.63
N VAL B 145 7.26 16.14 4.23
CA VAL B 145 7.29 14.80 3.64
C VAL B 145 5.90 14.37 3.18
N PRO B 146 5.74 14.14 1.88
CA PRO B 146 4.45 13.72 1.33
C PRO B 146 4.03 12.36 1.87
N VAL B 147 2.74 12.22 2.20
CA VAL B 147 2.18 10.93 2.59
C VAL B 147 1.24 10.50 1.48
N MET B 148 1.52 9.35 0.87
CA MET B 148 0.78 8.89 -0.30
C MET B 148 -0.25 7.80 0.01
N GLN B 149 -1.29 7.75 -0.80
CA GLN B 149 -2.27 6.67 -0.76
C GLN B 149 -2.97 6.58 -2.11
N ASP B 150 -2.88 5.43 -2.75
CA ASP B 150 -3.46 5.20 -4.08
C ASP B 150 -2.90 6.16 -5.12
N GLN B 151 -1.59 6.43 -5.03
CA GLN B 151 -0.89 7.36 -5.93
C GLN B 151 -1.43 8.79 -5.79
N GLN B 152 -2.06 9.07 -4.66
CA GLN B 152 -2.60 10.41 -4.42
C GLN B 152 -2.01 11.00 -3.15
N LEU B 153 -1.92 12.32 -3.11
CA LEU B 153 -1.43 13.01 -1.93
C LEU B 153 -2.48 13.00 -0.82
N TRP B 154 -2.34 12.06 0.11
CA TRP B 154 -3.24 11.94 1.25
C TRP B 154 -3.00 13.09 2.21
N GLY B 155 -1.73 13.44 2.40
CA GLY B 155 -1.37 14.51 3.30
C GLY B 155 0.14 14.71 3.36
N ILE B 156 0.60 15.35 4.42
CA ILE B 156 2.04 15.56 4.61
C ILE B 156 2.45 15.29 6.05
N MET B 157 3.71 14.95 6.22
CA MET B 157 4.31 14.95 7.54
C MET B 157 5.18 16.21 7.62
N ALA B 158 4.90 17.06 8.60
CA ALA B 158 5.59 18.34 8.71
C ALA B 158 6.56 18.36 9.88
N VAL B 159 7.84 18.59 9.57
CA VAL B 159 8.88 18.68 10.60
C VAL B 159 9.34 20.14 10.74
N HIS B 160 9.08 20.73 11.90
CA HIS B 160 9.36 22.15 12.11
C HIS B 160 10.32 22.42 13.26
N HIS B 161 11.26 23.34 13.03
CA HIS B 161 12.19 23.75 14.07
C HIS B 161 12.28 25.27 14.11
N SER B 162 12.37 25.83 15.32
CA SER B 162 12.43 27.28 15.48
C SER B 162 13.81 27.82 15.12
N LYS B 163 14.83 26.97 15.21
CA LYS B 163 16.19 27.37 14.88
C LYS B 163 16.61 26.71 13.56
N PRO B 164 17.60 27.30 12.87
CA PRO B 164 18.15 26.70 11.63
C PRO B 164 18.62 25.27 11.86
N ARG B 165 18.34 24.40 10.91
CA ARG B 165 18.61 22.97 11.07
C ARG B 165 18.72 22.29 9.71
N ARG B 166 19.90 21.77 9.40
CA ARG B 166 20.08 20.99 8.19
C ARG B 166 19.95 19.50 8.50
N PHE B 167 19.16 18.80 7.69
CA PHE B 167 18.92 17.38 7.91
C PHE B 167 19.92 16.51 7.15
N THR B 168 20.54 15.57 7.87
CA THR B 168 21.49 14.65 7.26
C THR B 168 20.75 13.62 6.41
N GLU B 169 21.48 12.98 5.51
CA GLU B 169 20.91 11.97 4.62
C GLU B 169 20.21 10.87 5.41
N GLN B 170 20.81 10.47 6.52
CA GLN B 170 20.25 9.43 7.38
C GLN B 170 18.86 9.80 7.89
N GLU B 171 18.63 11.10 8.06
CA GLU B 171 17.36 11.60 8.59
C GLU B 171 16.30 11.70 7.49
N TRP B 172 16.72 12.01 6.28
CA TRP B 172 15.80 12.07 5.13
C TRP B 172 15.18 10.70 4.89
N GLU B 173 16.04 9.67 4.79
CA GLU B 173 15.59 8.31 4.57
C GLU B 173 14.65 7.85 5.68
N THR B 174 15.01 8.21 6.91
CA THR B 174 14.23 7.84 8.08
C THR B 174 12.81 8.41 8.02
N MET B 175 12.70 9.67 7.61
CA MET B 175 11.39 10.31 7.47
C MET B 175 10.61 9.69 6.32
N ALA B 176 11.31 9.41 5.23
CA ALA B 176 10.71 8.73 4.08
C ALA B 176 10.13 7.39 4.50
N LEU B 177 10.88 6.67 5.34
CA LEU B 177 10.46 5.39 5.87
C LEU B 177 9.21 5.54 6.74
N LEU B 178 9.17 6.59 7.55
CA LEU B 178 8.01 6.85 8.40
C LEU B 178 6.79 7.23 7.57
N SER B 179 7.02 7.88 6.44
CA SER B 179 5.93 8.21 5.53
C SER B 179 5.31 6.94 4.94
N LYS B 180 6.16 5.96 4.65
CA LYS B 180 5.67 4.67 4.16
C LYS B 180 4.94 3.93 5.28
N GLU B 181 5.40 4.10 6.52
CA GLU B 181 4.72 3.54 7.68
C GLU B 181 3.33 4.15 7.85
N VAL B 182 3.22 5.45 7.63
CA VAL B 182 1.92 6.13 7.73
C VAL B 182 1.00 5.62 6.64
N SER B 183 1.53 5.53 5.42
CA SER B 183 0.78 5.03 4.27
C SER B 183 0.28 3.59 4.50
N LEU B 184 1.08 2.79 5.17
CA LEU B 184 0.70 1.41 5.48
C LEU B 184 -0.47 1.39 6.46
N ALA B 185 -0.39 2.23 7.49
CA ALA B 185 -1.44 2.30 8.50
C ALA B 185 -2.76 2.79 7.91
N ILE B 186 -2.68 3.62 6.88
CA ILE B 186 -3.88 4.12 6.21
C ILE B 186 -4.57 2.99 5.46
N THR B 187 -3.79 2.21 4.72
CA THR B 187 -4.32 1.08 3.98
C THR B 187 -4.96 0.06 4.90
N GLN B 188 -4.25 -0.30 5.97
CA GLN B 188 -4.77 -1.22 6.97
C GLN B 188 -6.08 -0.70 7.56
N SER B 189 -6.13 0.60 7.83
CA SER B 189 -7.34 1.23 8.37
C SER B 189 -8.52 1.17 7.41
N GLN B 190 -8.27 1.44 6.13
CA GLN B 190 -9.33 1.44 5.13
C GLN B 190 -9.85 0.02 4.88
N LEU B 191 -8.92 -0.92 4.78
CA LEU B 191 -9.29 -2.31 4.56
C LEU B 191 -10.05 -2.84 5.77
N SER B 192 -9.67 -2.39 6.95
CA SER B 192 -10.39 -2.73 8.18
C SER B 192 -11.80 -2.16 8.18
N ARG B 193 -11.96 -1.01 7.52
CA ARG B 193 -13.27 -0.36 7.43
C ARG B 193 -14.18 -1.11 6.47
N GLN B 194 -13.60 -1.62 5.39
CA GLN B 194 -14.36 -2.37 4.39
C GLN B 194 -14.90 -3.66 4.99
N VAL B 195 -14.03 -4.37 5.71
CA VAL B 195 -14.42 -5.63 6.35
C VAL B 195 -15.50 -5.40 7.40
N HIS B 196 -15.42 -4.27 8.10
CA HIS B 196 -16.43 -3.95 9.11
C HIS B 196 -17.76 -3.60 8.47
N GLN B 197 -17.72 -2.89 7.34
CA GLN B 197 -18.93 -2.55 6.61
C GLN B 197 -19.52 -3.80 5.95
N GLN B 198 -18.70 -4.83 5.82
CA GLN B 198 -19.15 -6.10 5.28
C GLN B 198 -19.97 -6.84 6.34
N GLN B 199 -19.64 -6.60 7.60
CA GLN B 199 -20.34 -7.22 8.72
C GLN B 199 -21.67 -6.53 8.96
N VAL B 200 -21.69 -5.21 8.83
CA VAL B 200 -22.91 -4.44 8.98
C VAL B 200 -23.94 -4.85 7.95
N GLN B 201 -23.49 -4.96 6.71
CA GLN B 201 -24.34 -5.42 5.60
C GLN B 201 -24.84 -6.83 5.86
N GLU B 202 -23.98 -7.67 6.42
CA GLU B 202 -24.34 -9.05 6.71
C GLU B 202 -25.30 -9.16 7.89
N ALA B 203 -24.99 -8.49 8.99
CA ALA B 203 -25.79 -8.56 10.20
C ALA B 203 -27.17 -7.95 10.02
N LEU B 204 -27.30 -7.04 9.06
CA LEU B 204 -28.59 -6.46 8.73
C LEU B 204 -29.50 -7.52 8.11
N VAL B 205 -28.94 -8.25 7.15
CA VAL B 205 -29.69 -9.29 6.45
C VAL B 205 -30.20 -10.37 7.40
N GLN B 206 -29.30 -10.90 8.24
CA GLN B 206 -29.67 -11.93 9.19
C GLN B 206 -30.68 -11.42 10.23
N ARG B 207 -30.62 -10.12 10.53
CA ARG B 207 -31.56 -9.51 11.45
C ARG B 207 -32.95 -9.46 10.81
N LEU B 208 -33.00 -9.14 9.53
CA LEU B 208 -34.25 -9.05 8.80
C LEU B 208 -34.87 -10.44 8.61
N GLU B 209 -34.06 -11.40 8.20
CA GLU B 209 -34.53 -12.75 7.91
C GLU B 209 -35.11 -13.47 9.13
N THR B 210 -34.64 -13.11 10.32
CA THR B 210 -35.14 -13.69 11.55
C THR B 210 -36.50 -13.09 11.89
N THR B 211 -36.80 -11.95 11.27
CA THR B 211 -38.04 -11.23 11.54
C THR B 211 -39.06 -11.43 10.41
N VAL B 212 -38.63 -12.07 9.32
CA VAL B 212 -39.49 -12.30 8.17
C VAL B 212 -40.24 -13.64 8.26
N ALA B 213 -39.49 -14.73 8.36
CA ALA B 213 -40.08 -16.06 8.34
C ALA B 213 -40.53 -16.52 9.72
N GLN B 214 -40.30 -15.69 10.74
CA GLN B 214 -40.63 -16.06 12.12
C GLN B 214 -41.68 -15.14 12.74
N TYR B 215 -41.64 -13.87 12.37
CA TYR B 215 -42.57 -12.88 12.94
C TYR B 215 -43.77 -12.63 12.05
N GLY B 216 -43.89 -13.43 10.98
CA GLY B 216 -45.04 -13.34 10.09
C GLY B 216 -45.11 -12.06 9.29
N ASP B 217 -46.25 -11.83 8.64
CA ASP B 217 -46.45 -10.64 7.83
C ASP B 217 -47.19 -9.54 8.58
N ARG B 218 -46.87 -9.40 9.86
CA ARG B 218 -47.46 -8.37 10.71
C ARG B 218 -46.91 -7.00 10.31
N PRO B 219 -47.78 -5.97 10.31
CA PRO B 219 -47.34 -4.60 10.00
C PRO B 219 -46.29 -4.07 10.99
N GLU B 220 -46.18 -4.69 12.15
CA GLU B 220 -45.17 -4.31 13.14
C GLU B 220 -43.77 -4.70 12.66
N THR B 221 -43.71 -5.66 11.74
CA THR B 221 -42.44 -6.08 11.16
C THR B 221 -41.87 -5.01 10.26
N TRP B 222 -42.74 -4.42 9.43
CA TRP B 222 -42.33 -3.36 8.52
C TRP B 222 -41.89 -2.11 9.27
N GLN B 223 -42.25 -2.04 10.55
CA GLN B 223 -41.84 -0.93 11.41
C GLN B 223 -40.50 -1.25 12.07
N TYR B 224 -40.30 -2.52 12.41
CA TYR B 224 -39.05 -2.95 13.03
C TYR B 224 -37.93 -3.04 12.00
N ALA B 225 -38.28 -3.44 10.78
CA ALA B 225 -37.30 -3.51 9.70
C ALA B 225 -36.90 -2.12 9.27
N LEU B 226 -37.83 -1.17 9.40
CA LEU B 226 -37.58 0.21 9.01
C LEU B 226 -36.59 0.88 9.96
N GLU B 227 -36.69 0.54 11.25
CA GLU B 227 -35.80 1.12 12.24
C GLU B 227 -34.46 0.40 12.28
N THR B 228 -34.46 -0.88 11.91
CA THR B 228 -33.22 -1.65 11.87
C THR B 228 -32.36 -1.20 10.71
N VAL B 229 -32.96 -1.05 9.54
CA VAL B 229 -32.25 -0.55 8.37
C VAL B 229 -31.85 0.90 8.56
N GLY B 230 -32.78 1.71 9.08
CA GLY B 230 -32.52 3.12 9.34
C GLY B 230 -31.32 3.34 10.24
N GLN B 231 -31.17 2.48 11.24
CA GLN B 231 -30.03 2.57 12.15
C GLN B 231 -28.74 2.11 11.49
N ALA B 232 -28.85 1.14 10.57
CA ALA B 232 -27.68 0.59 9.89
C ALA B 232 -27.08 1.58 8.90
N VAL B 233 -27.94 2.32 8.21
CA VAL B 233 -27.49 3.31 7.24
C VAL B 233 -27.20 4.62 7.97
N GLU B 234 -27.49 4.65 9.26
CA GLU B 234 -27.28 5.84 10.09
C GLU B 234 -28.03 7.07 9.57
N ALA B 235 -29.30 6.87 9.24
CA ALA B 235 -30.14 7.95 8.75
C ALA B 235 -30.83 8.66 9.92
N ASP B 236 -31.34 9.86 9.65
CA ASP B 236 -32.05 10.62 10.68
C ASP B 236 -33.53 10.26 10.67
N GLY B 237 -34.00 9.74 9.54
CA GLY B 237 -35.39 9.34 9.39
C GLY B 237 -35.58 8.41 8.21
N ALA B 238 -36.58 7.55 8.28
CA ALA B 238 -36.82 6.56 7.23
C ALA B 238 -38.30 6.45 6.87
N VAL B 239 -38.58 6.34 5.57
CA VAL B 239 -39.95 6.22 5.08
C VAL B 239 -40.09 5.04 4.12
N LEU B 240 -41.07 4.19 4.40
CA LEU B 240 -41.36 3.04 3.54
C LEU B 240 -42.75 3.16 2.93
N TYR B 241 -42.80 3.38 1.62
CA TYR B 241 -44.06 3.57 0.91
C TYR B 241 -44.53 2.30 0.22
N ILE B 242 -45.71 1.84 0.58
CA ILE B 242 -46.28 0.63 -0.02
C ILE B 242 -47.32 0.96 -1.09
N ALA B 243 -47.03 0.59 -2.33
CA ALA B 243 -47.94 0.81 -3.44
C ALA B 243 -49.19 -0.05 -3.28
N PRO B 244 -50.33 0.41 -3.82
CA PRO B 244 -51.59 -0.35 -3.75
C PRO B 244 -51.45 -1.76 -4.32
N ASP B 245 -51.91 -2.74 -3.56
CA ASP B 245 -51.75 -4.15 -3.93
C ASP B 245 -52.92 -4.65 -4.78
N LEU B 246 -52.59 -5.45 -5.79
CA LEU B 246 -53.58 -6.04 -6.68
C LEU B 246 -54.47 -4.98 -7.35
N THR B 247 -55.78 -5.17 -7.24
CA THR B 247 -56.74 -4.23 -7.81
C THR B 247 -56.69 -2.89 -7.08
N GLY B 248 -57.20 -2.88 -5.85
CA GLY B 248 -57.21 -1.66 -5.04
C GLY B 248 -57.27 -1.95 -3.56
N SER B 249 -56.10 -2.18 -2.95
CA SER B 249 -56.02 -2.43 -1.51
C SER B 249 -55.97 -1.11 -0.74
N VAL B 250 -54.79 -0.79 -0.21
CA VAL B 250 -54.58 0.44 0.54
C VAL B 250 -53.16 0.96 0.37
N ALA B 251 -53.02 2.27 0.19
CA ALA B 251 -51.71 2.90 0.08
C ALA B 251 -51.16 3.20 1.47
N GLN B 252 -50.21 2.41 1.92
CA GLN B 252 -49.70 2.50 3.28
C GLN B 252 -48.31 3.13 3.35
N HIS B 253 -47.95 3.64 4.52
CA HIS B 253 -46.62 4.20 4.75
C HIS B 253 -46.22 4.07 6.22
N TYR B 254 -45.00 3.59 6.45
CA TYR B 254 -44.46 3.47 7.79
C TYR B 254 -43.37 4.51 8.03
N GLN B 255 -43.31 5.05 9.24
CA GLN B 255 -42.37 6.13 9.54
C GLN B 255 -41.45 5.78 10.71
N TRP B 256 -40.23 6.30 10.65
CA TRP B 256 -39.27 6.16 11.74
C TRP B 256 -38.59 7.50 12.01
N ASN B 257 -38.64 7.95 13.26
CA ASN B 257 -38.10 9.24 13.66
C ASN B 257 -38.66 10.40 12.84
N LEU B 258 -39.93 10.30 12.49
CA LEU B 258 -40.58 11.33 11.68
C LEU B 258 -41.76 11.93 12.44
N ARG B 259 -41.67 13.22 12.73
CA ARG B 259 -42.70 13.91 13.49
C ARG B 259 -44.04 13.95 12.75
N PHE B 260 -44.12 14.81 11.74
CA PHE B 260 -45.35 14.97 10.96
C PHE B 260 -45.66 13.74 10.12
N ASP B 261 -46.84 13.73 9.51
CA ASP B 261 -47.26 12.63 8.66
C ASP B 261 -47.13 13.02 7.19
N TRP B 262 -46.33 12.26 6.44
CA TRP B 262 -46.09 12.56 5.04
C TRP B 262 -47.07 11.83 4.13
N GLY B 263 -48.18 11.36 4.71
CA GLY B 263 -49.16 10.59 3.97
C GLY B 263 -49.72 11.31 2.75
N ASN B 264 -49.81 12.62 2.83
CA ASN B 264 -50.34 13.43 1.74
C ASN B 264 -49.30 13.75 0.67
N TRP B 265 -48.09 14.08 1.12
CA TRP B 265 -47.03 14.50 0.21
C TRP B 265 -46.53 13.37 -0.69
N LEU B 266 -46.69 12.14 -0.23
CA LEU B 266 -46.24 10.98 -0.99
C LEU B 266 -47.15 10.67 -2.17
N GLU B 267 -48.42 11.07 -2.07
CA GLU B 267 -49.38 10.82 -3.14
C GLU B 267 -49.22 11.83 -4.27
N THR B 268 -48.48 12.89 -4.01
CA THR B 268 -48.19 13.92 -5.00
C THR B 268 -47.40 13.32 -6.16
N SER B 269 -47.60 13.83 -7.36
CA SER B 269 -46.86 13.37 -8.54
C SER B 269 -45.36 13.62 -8.39
N LEU B 270 -45.02 14.55 -7.49
CA LEU B 270 -43.62 14.83 -7.17
C LEU B 270 -42.92 13.58 -6.66
N TRP B 271 -43.50 12.96 -5.63
CA TRP B 271 -42.91 11.77 -5.05
C TRP B 271 -43.25 10.51 -5.83
N GLN B 272 -44.40 10.51 -6.48
CA GLN B 272 -44.81 9.38 -7.32
C GLN B 272 -43.81 9.15 -8.45
N GLU B 273 -43.29 10.23 -9.01
CA GLU B 273 -42.28 10.15 -10.05
C GLU B 273 -40.91 9.80 -9.47
N LEU B 274 -40.67 10.26 -8.24
CA LEU B 274 -39.41 10.00 -7.56
C LEU B 274 -39.30 8.56 -7.05
N MET B 275 -40.43 8.00 -6.64
CA MET B 275 -40.44 6.65 -6.09
C MET B 275 -40.52 5.57 -7.18
N ARG B 276 -40.39 5.99 -8.43
CA ARG B 276 -40.40 5.06 -9.56
C ARG B 276 -39.13 5.15 -10.39
N GLY B 277 -38.10 5.75 -9.81
CA GLY B 277 -36.82 5.90 -10.49
C GLY B 277 -36.79 7.09 -11.43
N GLN B 278 -35.89 7.04 -12.40
CA GLN B 278 -35.71 8.12 -13.38
C GLN B 278 -35.43 9.47 -12.72
N CYS B 310 -33.49 -2.06 -8.29
CA CYS B 310 -33.53 -1.37 -7.01
C CYS B 310 -32.28 -0.51 -6.81
N VAL B 311 -32.03 0.37 -7.78
CA VAL B 311 -30.88 1.26 -7.72
C VAL B 311 -31.21 2.52 -6.93
N PRO B 312 -30.49 2.75 -5.81
CA PRO B 312 -30.71 3.92 -4.96
C PRO B 312 -30.23 5.20 -5.62
N HIS B 313 -30.96 6.29 -5.41
CA HIS B 313 -30.57 7.58 -5.96
C HIS B 313 -30.75 8.69 -4.93
N GLY B 314 -29.76 9.57 -4.84
CA GLY B 314 -29.78 10.62 -3.85
C GLY B 314 -30.34 11.94 -4.35
N TYR B 315 -30.95 12.70 -3.46
CA TYR B 315 -31.51 14.00 -3.80
C TYR B 315 -31.35 14.99 -2.64
N THR B 316 -31.01 16.23 -2.96
CA THR B 316 -31.02 17.30 -1.96
C THR B 316 -32.32 18.07 -2.09
N LEU B 317 -32.67 18.82 -1.06
CA LEU B 317 -33.91 19.61 -1.06
C LEU B 317 -33.89 20.67 -2.14
N GLY B 318 -32.71 21.21 -2.41
CA GLY B 318 -32.54 22.23 -3.42
C GLY B 318 -32.86 21.73 -4.81
N GLU B 319 -32.63 20.44 -5.04
CA GLU B 319 -32.96 19.81 -6.31
C GLU B 319 -34.46 19.69 -6.49
N LEU B 320 -35.14 19.26 -5.43
CA LEU B 320 -36.59 19.10 -5.45
C LEU B 320 -37.31 20.43 -5.65
N GLU B 321 -36.79 21.48 -5.00
CA GLU B 321 -37.42 22.79 -5.08
C GLU B 321 -37.29 23.41 -6.48
N GLN B 322 -36.22 23.05 -7.19
CA GLN B 322 -36.01 23.56 -8.54
C GLN B 322 -36.58 22.63 -9.61
N ARG B 323 -37.20 21.54 -9.17
CA ARG B 323 -37.86 20.62 -10.08
C ARG B 323 -39.03 21.29 -10.78
N SER B 324 -39.18 21.02 -12.08
CA SER B 324 -40.34 21.49 -12.83
C SER B 324 -41.59 20.89 -12.21
N ASP B 325 -41.45 19.66 -11.72
CA ASP B 325 -42.50 18.99 -10.97
C ASP B 325 -42.21 19.16 -9.48
N TRP B 326 -42.86 20.12 -8.85
CA TRP B 326 -42.60 20.44 -7.45
C TRP B 326 -43.80 21.09 -6.76
N ILE B 327 -44.33 20.39 -5.75
CA ILE B 327 -45.42 20.92 -4.93
C ILE B 327 -44.99 20.98 -3.47
N ALA B 328 -45.16 22.16 -2.86
CA ALA B 328 -44.70 22.40 -1.50
C ALA B 328 -45.49 21.64 -0.44
N PRO B 329 -44.79 21.08 0.56
CA PRO B 329 -45.37 20.38 1.71
C PRO B 329 -45.80 21.36 2.79
N PRO B 330 -46.56 20.89 3.80
CA PRO B 330 -46.94 21.77 4.92
C PRO B 330 -45.73 22.18 5.76
N GLU B 331 -45.89 23.22 6.58
CA GLU B 331 -44.81 23.73 7.41
C GLU B 331 -44.40 22.72 8.48
N SER B 332 -45.36 21.92 8.94
CA SER B 332 -45.11 20.94 9.99
C SER B 332 -44.14 19.86 9.52
N LEU B 333 -44.11 19.61 8.22
CA LEU B 333 -43.23 18.60 7.64
C LEU B 333 -41.83 19.16 7.38
N SER B 334 -41.79 20.44 6.99
CA SER B 334 -40.52 21.09 6.66
C SER B 334 -39.81 21.60 7.90
N ALA B 335 -40.53 21.65 9.02
CA ALA B 335 -39.97 22.12 10.28
C ALA B 335 -38.89 21.17 10.80
N GLU B 336 -38.98 19.91 10.38
CA GLU B 336 -38.01 18.89 10.80
C GLU B 336 -36.67 19.09 10.09
N ASN B 337 -36.70 19.85 9.00
CA ASN B 337 -35.50 20.21 8.25
C ASN B 337 -34.74 19.03 7.64
N PHE B 338 -35.43 18.28 6.79
CA PHE B 338 -34.78 17.18 6.07
C PHE B 338 -34.27 17.67 4.71
N GLN B 339 -32.97 17.51 4.50
CA GLN B 339 -32.32 18.08 3.32
C GLN B 339 -31.85 17.03 2.32
N SER B 340 -31.40 15.88 2.83
CA SER B 340 -30.85 14.84 1.98
C SER B 340 -31.78 13.62 1.90
N PHE B 341 -32.13 13.24 0.67
CA PHE B 341 -33.08 12.16 0.45
C PHE B 341 -32.44 11.03 -0.36
N LEU B 342 -32.46 9.81 0.19
CA LEU B 342 -32.01 8.65 -0.56
C LEU B 342 -33.18 7.75 -0.94
N ILE B 343 -33.62 7.87 -2.20
CA ILE B 343 -34.77 7.12 -2.68
C ILE B 343 -34.33 5.83 -3.37
N VAL B 344 -34.85 4.71 -2.88
CA VAL B 344 -34.55 3.41 -3.47
C VAL B 344 -35.83 2.71 -3.90
N PRO B 345 -36.16 2.80 -5.21
CA PRO B 345 -37.37 2.17 -5.75
C PRO B 345 -37.32 0.65 -5.67
N LEU B 346 -38.23 0.07 -4.88
CA LEU B 346 -38.32 -1.39 -4.77
C LEU B 346 -39.05 -1.97 -5.98
N ALA B 347 -38.30 -2.22 -7.06
CA ALA B 347 -38.91 -2.71 -8.29
C ALA B 347 -37.98 -3.60 -9.10
N ALA B 348 -38.58 -4.51 -9.87
CA ALA B 348 -37.84 -5.36 -10.80
C ALA B 348 -38.47 -5.26 -12.19
N ASP B 349 -38.07 -4.24 -12.93
CA ASP B 349 -38.60 -3.97 -14.26
C ASP B 349 -40.12 -3.77 -14.25
N GLN B 350 -40.85 -4.87 -14.38
CA GLN B 350 -42.31 -4.83 -14.45
C GLN B 350 -42.94 -4.45 -13.10
N GLN B 351 -42.77 -5.32 -12.11
CA GLN B 351 -43.43 -5.15 -10.82
C GLN B 351 -42.77 -4.09 -9.95
N TRP B 352 -43.51 -3.02 -9.67
CA TRP B 352 -43.09 -1.98 -8.74
C TRP B 352 -44.06 -1.97 -7.56
N VAL B 353 -43.63 -2.52 -6.43
CA VAL B 353 -44.53 -2.72 -5.30
C VAL B 353 -44.31 -1.72 -4.15
N GLY B 354 -43.16 -1.07 -4.15
CA GLY B 354 -42.85 -0.13 -3.07
C GLY B 354 -41.61 0.71 -3.32
N SER B 355 -41.26 1.53 -2.34
CA SER B 355 -40.09 2.39 -2.43
C SER B 355 -39.54 2.71 -1.06
N LEU B 356 -38.21 2.77 -0.96
CA LEU B 356 -37.55 3.10 0.29
C LEU B 356 -37.02 4.52 0.27
N ILE B 357 -37.32 5.28 1.31
CA ILE B 357 -36.86 6.66 1.40
C ILE B 357 -36.07 6.88 2.68
N LEU B 358 -34.76 7.10 2.53
CA LEU B 358 -33.88 7.34 3.66
C LEU B 358 -33.55 8.83 3.74
N LEU B 359 -33.71 9.40 4.92
CA LEU B 359 -33.59 10.85 5.08
C LEU B 359 -32.54 11.26 6.10
N ARG B 360 -31.89 12.38 5.82
CA ARG B 360 -30.94 12.99 6.75
C ARG B 360 -31.17 14.49 6.85
N LYS B 361 -31.17 15.00 8.08
CA LYS B 361 -31.34 16.42 8.31
C LYS B 361 -30.04 17.16 7.99
N GLU B 362 -30.13 18.47 7.86
CA GLU B 362 -28.95 19.30 7.64
C GLU B 362 -28.00 19.14 8.83
N LYS B 363 -26.70 19.13 8.55
CA LYS B 363 -25.71 18.96 9.61
C LYS B 363 -24.93 20.25 9.85
N SER B 364 -24.48 20.43 11.08
CA SER B 364 -23.68 21.58 11.45
C SER B 364 -22.28 21.15 11.88
N LEU B 365 -21.29 21.45 11.05
CA LEU B 365 -19.90 21.15 11.41
C LEU B 365 -19.15 22.42 11.79
N VAL B 366 -18.35 22.32 12.84
CA VAL B 366 -17.57 23.46 13.31
C VAL B 366 -16.07 23.25 13.03
N LYS B 367 -15.45 24.23 12.40
CA LYS B 367 -14.03 24.15 12.08
C LYS B 367 -13.24 25.18 12.87
N HIS B 368 -12.05 24.77 13.30
CA HIS B 368 -11.13 25.67 13.98
C HIS B 368 -9.99 26.05 13.04
N TRP B 369 -10.17 27.14 12.31
CA TRP B 369 -9.16 27.59 11.36
C TRP B 369 -7.93 28.17 12.05
N ALA B 370 -6.77 27.89 11.49
CA ALA B 370 -5.52 28.45 12.00
C ALA B 370 -5.35 29.87 11.48
N GLY B 371 -5.83 30.84 12.27
CA GLY B 371 -5.87 32.21 11.84
C GLY B 371 -7.20 32.52 11.19
N LYS B 372 -7.56 33.80 11.15
CA LYS B 372 -8.82 34.20 10.55
C LYS B 372 -8.65 34.39 9.05
N ARG B 373 -9.55 33.79 8.28
CA ARG B 373 -9.54 33.91 6.84
C ARG B 373 -10.29 35.16 6.40
N GLY B 374 -9.72 35.91 5.48
CA GLY B 374 -10.37 37.09 4.94
C GLY B 374 -11.50 36.73 4.00
N ILE B 375 -12.40 37.67 3.77
CA ILE B 375 -13.53 37.45 2.86
C ILE B 375 -13.04 37.33 1.42
N ASP B 376 -11.91 37.97 1.12
CA ASP B 376 -11.36 37.97 -0.23
C ASP B 376 -9.83 38.03 -0.19
N ARG B 377 -9.22 37.98 -1.38
CA ARG B 377 -7.77 38.07 -1.53
C ARG B 377 -7.02 37.03 -0.71
N ARG B 378 -7.38 35.76 -0.89
CA ARG B 378 -6.81 34.68 -0.09
C ARG B 378 -5.45 34.18 -0.60
N ASN B 379 -5.19 34.33 -1.90
CA ASN B 379 -3.92 33.91 -2.46
C ASN B 379 -2.91 35.05 -2.58
N ILE B 380 -3.28 36.23 -2.06
CA ILE B 380 -2.45 37.42 -2.22
C ILE B 380 -1.42 37.59 -1.11
N LEU B 381 -1.89 37.56 0.13
CA LEU B 381 -1.00 37.73 1.28
C LEU B 381 -1.20 36.59 2.27
N PRO B 382 -0.10 36.10 2.85
CA PRO B 382 -0.21 35.06 3.88
C PRO B 382 -0.79 35.62 5.16
N ARG B 383 -1.42 34.77 5.97
CA ARG B 383 -1.84 35.18 7.30
C ARG B 383 -0.61 35.31 8.17
N LEU B 384 -0.60 36.28 9.07
CA LEU B 384 0.53 36.47 9.96
C LEU B 384 0.16 36.06 11.38
N SER B 385 -1.12 35.74 11.56
CA SER B 385 -1.61 35.22 12.83
C SER B 385 -2.26 33.86 12.59
N PHE B 386 -1.95 32.89 13.45
CA PHE B 386 -2.49 31.55 13.30
C PHE B 386 -3.32 31.14 14.51
N GLU B 387 -3.90 32.14 15.17
CA GLU B 387 -4.75 31.92 16.34
C GLU B 387 -6.04 31.23 15.91
N ALA B 388 -6.49 30.26 16.71
CA ALA B 388 -7.68 29.47 16.38
C ALA B 388 -8.93 30.31 16.17
N TRP B 389 -9.39 30.38 14.92
CA TRP B 389 -10.62 31.07 14.59
C TRP B 389 -11.73 30.05 14.30
N GLU B 390 -12.80 30.13 15.08
CA GLU B 390 -13.86 29.11 15.04
C GLU B 390 -14.99 29.50 14.10
N GLU B 391 -15.24 28.67 13.09
CA GLU B 391 -16.31 28.93 12.13
C GLU B 391 -17.26 27.75 12.01
N THR B 392 -18.55 28.02 12.18
CA THR B 392 -19.59 27.00 12.00
C THR B 392 -19.97 26.93 10.53
N GLN B 393 -20.13 25.72 10.01
CA GLN B 393 -20.52 25.52 8.62
C GLN B 393 -21.77 24.64 8.50
N LYS B 394 -22.61 24.97 7.52
CA LYS B 394 -23.79 24.18 7.22
C LYS B 394 -23.59 23.42 5.91
N LEU B 395 -23.94 22.14 5.90
CA LEU B 395 -23.80 21.32 4.71
C LEU B 395 -24.92 20.29 4.58
N VAL B 396 -25.23 19.91 3.34
CA VAL B 396 -26.19 18.84 3.08
C VAL B 396 -25.45 17.51 3.05
N PRO B 397 -25.81 16.59 3.96
CA PRO B 397 -25.13 15.30 4.08
C PRO B 397 -25.28 14.45 2.83
N THR B 398 -24.25 13.68 2.50
CA THR B 398 -24.28 12.84 1.32
C THR B 398 -24.38 11.36 1.69
N TRP B 399 -24.58 10.51 0.70
CA TRP B 399 -24.66 9.07 0.92
C TRP B 399 -23.52 8.36 0.21
N ASN B 400 -22.57 7.84 0.98
CA ASN B 400 -21.39 7.20 0.40
C ASN B 400 -21.69 5.84 -0.24
N ARG B 401 -20.66 5.24 -0.82
CA ARG B 401 -20.81 3.97 -1.54
C ARG B 401 -21.29 2.85 -0.61
N SER B 402 -20.80 2.87 0.63
CA SER B 402 -21.15 1.82 1.60
C SER B 402 -22.62 1.89 1.99
N GLU B 403 -23.13 3.09 2.16
CA GLU B 403 -24.52 3.30 2.57
C GLU B 403 -25.49 3.04 1.43
N ARG B 404 -25.10 3.42 0.22
CA ARG B 404 -25.93 3.18 -0.96
C ARG B 404 -25.98 1.69 -1.29
N LYS B 405 -24.87 1.00 -1.06
CA LYS B 405 -24.81 -0.44 -1.24
C LYS B 405 -25.69 -1.11 -0.19
N LEU B 406 -25.63 -0.60 1.03
CA LEU B 406 -26.41 -1.13 2.14
C LEU B 406 -27.89 -0.86 1.94
N ALA B 407 -28.22 0.34 1.45
CA ALA B 407 -29.60 0.71 1.16
C ALA B 407 -30.18 -0.15 0.05
N GLN B 408 -29.31 -0.58 -0.87
CA GLN B 408 -29.73 -1.42 -1.99
C GLN B 408 -29.96 -2.86 -1.54
N VAL B 409 -29.13 -3.31 -0.61
CA VAL B 409 -29.28 -4.66 -0.04
C VAL B 409 -30.60 -4.80 0.69
N ALA B 410 -30.90 -3.83 1.55
CA ALA B 410 -32.13 -3.85 2.34
C ALA B 410 -33.37 -3.71 1.46
N SER B 411 -33.26 -2.91 0.41
CA SER B 411 -34.39 -2.65 -0.49
C SER B 411 -34.80 -3.91 -1.24
N THR B 412 -33.82 -4.59 -1.83
CA THR B 412 -34.05 -5.84 -2.54
C THR B 412 -34.60 -6.89 -1.57
N GLN B 413 -34.07 -6.89 -0.35
CA GLN B 413 -34.52 -7.80 0.70
C GLN B 413 -36.00 -7.63 0.98
N LEU B 414 -36.48 -6.39 0.89
CA LEU B 414 -37.88 -6.08 1.15
C LEU B 414 -38.76 -6.33 -0.08
N TYR B 415 -38.19 -6.16 -1.27
CA TYR B 415 -38.92 -6.38 -2.51
C TYR B 415 -39.34 -7.83 -2.65
N MET B 416 -38.43 -8.75 -2.31
CA MET B 416 -38.71 -10.17 -2.38
C MET B 416 -39.62 -10.60 -1.25
N ALA B 417 -39.78 -9.73 -0.25
CA ALA B 417 -40.63 -10.02 0.89
C ALA B 417 -42.10 -9.74 0.58
N ILE B 418 -42.37 -8.55 0.03
CA ILE B 418 -43.74 -8.17 -0.32
C ILE B 418 -43.73 -7.05 -1.36
N GLU C . -0.47 -7.76 -21.12
CA GLU C . 0.76 -7.57 -20.34
C GLU C . 1.74 -8.72 -20.53
O GLU C . 2.90 -8.64 -20.13
CB GLU C . 0.43 -7.40 -18.85
CG GLU C . -0.49 -6.22 -18.55
CD GLU C . -0.74 -6.05 -17.06
OE1 GLU C . 0.23 -6.17 -16.28
OE2 GLU C . -1.89 -5.78 -16.68
OXT GLU C . 1.40 -9.76 -21.09
CHA CYC D . -5.91 -18.29 -19.47
NA CYC D . -4.26 -19.56 -18.10
C1A CYC D . -5.18 -18.52 -18.23
C2A CYC D . -5.37 -17.70 -17.11
C3A CYC D . -4.48 -18.23 -16.05
C4A CYC D . -3.76 -19.45 -16.72
CMA CYC D . -4.32 -17.70 -14.69
CAA CYC D . -6.28 -16.52 -16.98
CBA CYC D . -7.52 -16.70 -16.24
CGA CYC D . -8.37 -17.88 -16.71
O1A CYC D . -8.64 -18.01 -18.00
O2A CYC D . -8.83 -18.75 -15.83
CHB CYC D . -2.73 -20.35 -16.08
NB CYC D . -3.92 -20.80 -14.01
C1B CYC D . -2.77 -20.75 -14.74
C2B CYC D . -1.52 -21.14 -14.00
C3B CYC D . -2.08 -21.47 -12.58
C4B CYC D . -3.55 -21.21 -12.77
CMB CYC D . -0.04 -21.18 -14.51
CAB CYC D . -1.34 -21.94 -11.36
CBB CYC D . -1.49 -21.14 -10.11
OB CYC D . -4.34 -21.37 -11.89
NC CYC D . -2.47 -22.03 -22.09
C1C CYC D . -1.36 -22.89 -22.28
C2C CYC D . -0.82 -22.98 -23.68
C3C CYC D . -1.82 -22.01 -24.48
C4C CYC D . -2.59 -21.39 -23.35
CMC CYC D . 0.66 -22.72 -23.79
CAC CYC D . -2.62 -22.67 -25.50
CBC CYC D . -1.71 -23.25 -26.59
OC CYC D . -0.87 -23.51 -21.38
CHD CYC D . -3.35 -20.23 -23.59
ND CYC D . -4.37 -19.43 -21.28
C1D CYC D . -4.36 -19.53 -22.62
C2D CYC D . -5.45 -18.83 -23.12
C3D CYC D . -6.13 -18.31 -22.04
C4D CYC D . -5.44 -18.69 -20.89
CMD CYC D . -5.82 -18.67 -24.56
CAD CYC D . -7.44 -17.45 -22.09
CBD CYC D . -8.71 -18.17 -21.88
CGD CYC D . -9.91 -17.66 -22.60
O1D CYC D . -9.80 -17.19 -23.81
O2D CYC D . -10.99 -17.69 -22.05
C1 GOL E . 34.21 -10.36 11.60
O1 GOL E . 32.93 -9.78 11.78
C2 GOL E . 34.06 -11.80 11.14
O2 GOL E . 35.34 -12.39 11.05
C3 GOL E . 33.22 -12.58 12.14
O3 GOL E . 34.03 -13.42 12.90
C FMT F . 6.85 -9.30 8.61
O1 FMT F . 6.21 -9.25 7.57
O2 FMT F . 6.64 -8.57 9.58
C FMT G . -20.66 -30.74 -24.38
O1 FMT G . -21.49 -31.25 -25.13
O2 FMT G . -20.87 -30.47 -23.19
C FMT H . 18.31 -30.72 -15.33
O1 FMT H . 18.42 -29.56 -15.76
O2 FMT H . 18.47 -31.03 -14.15
CHA CYC I . 4.70 26.13 0.07
NA CYC I . 3.12 25.94 2.01
C1A CYC I . 4.02 25.36 1.10
C2A CYC I . 4.24 23.97 1.23
C3A CYC I . 3.41 23.53 2.36
C4A CYC I . 2.68 24.82 2.86
CMA CYC I . 3.31 22.15 2.86
CAA CYC I . 5.13 23.10 0.41
CBA CYC I . 6.37 22.65 1.01
CGA CYC I . 7.36 23.74 1.39
O1A CYC I . 7.91 23.73 2.59
O2A CYC I . 7.67 24.69 0.51
CHB CYC I . 1.70 24.92 4.01
NB CYC I . 3.14 23.79 5.58
C1B CYC I . 1.90 24.16 5.18
C2B CYC I . 0.77 23.70 6.05
C3B CYC I . 1.54 22.91 7.17
C4B CYC I . 2.97 23.08 6.72
CMB CYC I . -0.78 23.93 5.89
CAB CYC I . 1.00 22.19 8.36
CBB CYC I . 0.36 23.02 9.43
OB CYC I . 3.88 22.61 7.32
NC CYC I . 1.23 30.29 1.18
C1C CYC I . 0.25 31.05 1.88
C2C CYC I . -0.26 32.28 1.19
C3C CYC I . 0.46 32.16 -0.26
C4C CYC I . 1.22 30.89 -0.10
CMC CYC I . -1.76 32.42 1.25
CAC CYC I . 1.27 33.31 -0.61
CBC CYC I . 0.40 34.53 -0.90
OC CYC I . -0.15 30.72 2.97
CHD CYC I . 1.88 30.33 -1.21
ND CYC I . 3.06 28.17 -0.27
C1D CYC I . 2.95 29.20 -1.14
C2D CYC I . 3.96 29.10 -2.07
C3D CYC I . 4.71 27.98 -1.74
C4D CYC I . 4.13 27.42 -0.61
CMD CYC I . 4.21 30.02 -3.23
CAD CYC I . 5.97 27.47 -2.49
CBD CYC I . 7.29 27.86 -1.95
CGD CYC I . 8.43 27.81 -2.90
O1D CYC I . 8.77 28.88 -3.57
O2D CYC I . 9.05 26.78 -3.03
C1 GOL J . -0.08 3.52 -0.64
O1 GOL J . -1.36 3.53 -1.22
C2 GOL J . 0.81 4.54 -1.33
O2 GOL J . 2.13 4.43 -0.83
C3 GOL J . 0.81 4.28 -2.84
O3 GOL J . 0.64 5.49 -3.54
C FMT K . -32.86 -0.95 -11.84
O1 FMT K . -32.96 -1.98 -11.19
O2 FMT K . -33.60 0.03 -11.70
C FMT L . -1.63 10.81 22.90
O1 FMT L . -2.40 11.73 23.16
O2 FMT L . -0.46 10.76 23.28
C FMT M . 14.07 20.06 21.38
O1 FMT M . 13.13 20.82 21.16
O2 FMT M . 14.00 19.06 22.09
C FMT N . -48.17 6.85 11.14
O1 FMT N . -48.61 7.35 12.18
O2 FMT N . -47.50 7.46 10.31
#